data_6W3E
#
_entry.id   6W3E
#
_cell.length_a   61.670
_cell.length_b   139.240
_cell.length_c   63.950
_cell.angle_alpha   90.000
_cell.angle_beta   114.900
_cell.angle_gamma   90.000
#
_symmetry.space_group_name_H-M   'P 1 21 1'
#
loop_
_entity.id
_entity.type
_entity.pdbx_description
1 polymer 'Serine/threonine-protein kinase/endoribonuclease IRE1'
2 non-polymer 'methyl ~{N}-[6-methyl-5-[3-[2-[[(3~{S})-piperidin-3-yl]amino]pyrimidin-4-yl]pyridin-2-yl]oxy-naphthalen-1-yl]carbamate'
#
_entity_poly.entity_id   1
_entity_poly.type   'polypeptide(L)'
_entity_poly.pdbx_seq_one_letter_code
;GSSPSLEQDDGDEETSVVIVGKISFCPKDVLGHGAEGTIVYRGMFDNRDVAVKRILPECFSFADREVQLLRESDEHPNVI
RYFCTEKDRQFQYIAIELCAATLQEYVEQKDFAHLGLEPITLLQQTTSGLAHLHSLNIVHRDLKPHNILISMPNAHGKIK
AMISDFGLCKKLAVGRH(SEP)F(SEP)RR(SEP)GVPGTEGWIAPEMLSEDCKENPTYTVDIFSAGCVFYYVISEGSHP
FGKSLQRQANILLGACSLDCLHPEKHEDVIARELIEKMIAMDPQKRPSAKHVLKHPFFWSLEKQLQFFQDVSDRIEKESL
DGPIVKQLERGGRAVVKMDWRENITVPLQTDLRKFRTYKGGSVRDLLRAMRNKKHHYRELPAEVRETLGSLPDDFVCYFT
SRFPHLLAHTYRAMELCSHERLFQPYYFHEPPEPQPPVTPDAL
;
_entity_poly.pdbx_strand_id   A,B
#
loop_
_chem_comp.id
_chem_comp.type
_chem_comp.name
_chem_comp.formula
SJV non-polymer 'methyl ~{N}-[6-methyl-5-[3-[2-[[(3~{S})-piperidin-3-yl]amino]pyrimidin-4-yl]pyridin-2-yl]oxy-naphthalen-1-yl]carbamate' 'C27 H28 N6 O3'
#
# COMPACT_ATOMS: atom_id res chain seq x y z
N SER A 16 -32.37 -27.97 -14.48
CA SER A 16 -31.02 -28.41 -14.15
C SER A 16 -30.05 -27.23 -14.19
N VAL A 17 -30.36 -26.22 -14.99
CA VAL A 17 -29.50 -25.04 -15.12
C VAL A 17 -30.26 -23.90 -15.78
N VAL A 18 -30.73 -22.96 -14.97
CA VAL A 18 -31.50 -21.82 -15.47
C VAL A 18 -30.59 -20.78 -16.11
N ILE A 19 -31.11 -20.13 -17.14
CA ILE A 19 -30.41 -19.06 -17.83
C ILE A 19 -31.35 -17.87 -17.87
N VAL A 20 -30.97 -16.80 -17.17
CA VAL A 20 -31.79 -15.60 -17.07
C VAL A 20 -30.98 -14.40 -17.54
N GLY A 21 -30.99 -14.15 -18.85
CA GLY A 21 -30.17 -13.09 -19.39
C GLY A 21 -28.74 -13.58 -19.41
N LYS A 22 -27.86 -12.78 -18.83
CA LYS A 22 -26.45 -13.11 -18.72
C LYS A 22 -26.16 -13.81 -17.39
N ILE A 23 -27.16 -13.89 -16.53
CA ILE A 23 -27.05 -14.63 -15.29
C ILE A 23 -27.56 -16.05 -15.51
N SER A 24 -26.69 -17.03 -15.26
CA SER A 24 -27.05 -18.44 -15.40
C SER A 24 -26.58 -19.18 -14.16
N PHE A 25 -27.42 -20.05 -13.62
CA PHE A 25 -27.05 -20.81 -12.43
C PHE A 25 -27.64 -22.21 -12.40
N CYS A 26 -27.00 -23.09 -11.65
CA CYS A 26 -27.44 -24.46 -11.45
C CYS A 26 -27.87 -24.64 -9.99
N PRO A 27 -29.17 -24.94 -9.76
CA PRO A 27 -29.68 -25.01 -8.38
C PRO A 27 -28.97 -26.01 -7.47
N LYS A 28 -28.37 -27.05 -8.03
CA LYS A 28 -27.69 -28.06 -7.22
C LYS A 28 -26.58 -27.42 -6.41
N ASP A 29 -25.89 -26.45 -7.01
CA ASP A 29 -24.83 -25.73 -6.32
C ASP A 29 -25.42 -24.58 -5.51
N VAL A 30 -25.88 -24.91 -4.30
CA VAL A 30 -26.49 -23.92 -3.42
C VAL A 30 -25.47 -23.43 -2.39
N LEU A 31 -25.39 -22.11 -2.24
CA LEU A 31 -24.40 -21.50 -1.35
C LEU A 31 -25.01 -21.09 -0.01
N GLY A 32 -26.30 -20.80 0.01
CA GLY A 32 -26.95 -20.38 1.24
C GLY A 32 -28.45 -20.18 1.11
N HIS A 33 -29.13 -20.09 2.26
CA HIS A 33 -30.58 -19.94 2.33
C HIS A 33 -30.99 -19.06 3.51
N GLY A 34 -31.82 -18.05 3.25
CA GLY A 34 -32.20 -17.11 4.30
C GLY A 34 -33.52 -16.37 4.09
N ALA A 35 -33.81 -15.49 5.04
CA ALA A 35 -35.03 -14.65 5.12
C ALA A 35 -36.26 -15.17 4.36
N GLU A 36 -36.97 -14.28 3.67
CA GLU A 36 -38.26 -14.60 3.08
C GLU A 36 -38.12 -15.43 1.80
N GLY A 37 -37.72 -16.69 1.96
CA GLY A 37 -37.59 -17.60 0.84
C GLY A 37 -36.53 -17.18 -0.16
N THR A 38 -35.37 -16.77 0.36
CA THR A 38 -34.25 -16.36 -0.50
C THR A 38 -33.17 -17.44 -0.50
N ILE A 39 -32.82 -17.91 -1.69
CA ILE A 39 -31.74 -18.87 -1.86
C ILE A 39 -30.62 -18.22 -2.67
N VAL A 40 -29.38 -18.57 -2.36
CA VAL A 40 -28.23 -18.02 -3.05
C VAL A 40 -27.45 -19.14 -3.72
N TYR A 41 -27.22 -19.01 -5.03
CA TYR A 41 -26.63 -20.06 -5.83
C TYR A 41 -25.22 -19.73 -6.32
N ARG A 42 -24.58 -20.71 -6.96
CA ARG A 42 -23.31 -20.50 -7.64
C ARG A 42 -23.58 -20.46 -9.14
N GLY A 43 -23.61 -19.24 -9.68
CA GLY A 43 -23.96 -19.01 -11.07
C GLY A 43 -22.83 -18.42 -11.87
N MET A 44 -23.17 -17.79 -13.00
CA MET A 44 -22.18 -17.20 -13.88
C MET A 44 -22.72 -15.93 -14.53
N PHE A 45 -21.91 -14.88 -14.55
CA PHE A 45 -22.27 -13.63 -15.20
C PHE A 45 -21.19 -13.20 -16.19
N ASP A 46 -21.52 -13.26 -17.47
CA ASP A 46 -20.60 -12.87 -18.52
C ASP A 46 -19.31 -13.68 -18.40
N ASN A 47 -19.46 -14.98 -18.23
CA ASN A 47 -18.33 -15.89 -18.07
C ASN A 47 -17.49 -15.58 -16.84
N ARG A 48 -18.11 -14.95 -15.84
CA ARG A 48 -17.49 -14.76 -14.52
C ARG A 48 -18.16 -15.65 -13.50
N ASP A 49 -17.39 -16.24 -12.60
CA ASP A 49 -17.96 -17.01 -11.51
C ASP A 49 -18.56 -16.05 -10.50
N VAL A 50 -19.87 -16.15 -10.28
CA VAL A 50 -20.59 -15.23 -9.42
C VAL A 50 -21.60 -15.95 -8.52
N ALA A 51 -21.91 -15.33 -7.39
CA ALA A 51 -22.96 -15.81 -6.50
C ALA A 51 -24.26 -15.08 -6.80
N VAL A 52 -25.29 -15.85 -7.14
CA VAL A 52 -26.59 -15.28 -7.51
C VAL A 52 -27.59 -15.46 -6.39
N LYS A 53 -28.31 -14.39 -6.05
CA LYS A 53 -29.36 -14.44 -5.04
C LYS A 53 -30.72 -14.12 -5.65
N ARG A 54 -31.65 -15.07 -5.57
CA ARG A 54 -33.00 -14.85 -6.08
C ARG A 54 -33.91 -14.40 -4.93
N ILE A 55 -34.67 -13.33 -5.16
CA ILE A 55 -35.54 -12.76 -4.13
C ILE A 55 -36.95 -12.52 -4.65
N LEU A 56 -37.93 -12.61 -3.74
CA LEU A 56 -39.33 -12.39 -4.06
C LEU A 56 -39.69 -10.90 -4.09
N PRO A 57 -40.88 -10.57 -4.63
CA PRO A 57 -41.33 -9.17 -4.68
C PRO A 57 -41.44 -8.50 -3.31
N GLU A 58 -41.46 -9.29 -2.24
CA GLU A 58 -41.57 -8.73 -0.90
C GLU A 58 -40.29 -7.97 -0.52
N CYS A 59 -39.19 -8.29 -1.21
CA CYS A 59 -37.89 -7.72 -0.89
C CYS A 59 -37.31 -6.87 -2.02
N PHE A 60 -38.13 -6.53 -3.01
CA PHE A 60 -37.64 -5.72 -4.14
C PHE A 60 -37.25 -4.31 -3.73
N SER A 61 -38.16 -3.63 -3.03
CA SER A 61 -37.94 -2.24 -2.62
C SER A 61 -36.70 -2.13 -1.75
N PHE A 62 -36.46 -3.16 -0.95
CA PHE A 62 -35.31 -3.19 -0.05
C PHE A 62 -34.04 -3.55 -0.82
N ALA A 63 -34.19 -4.40 -1.84
CA ALA A 63 -33.04 -4.89 -2.61
C ALA A 63 -32.42 -3.76 -3.42
N ASP A 64 -33.27 -3.04 -4.17
CA ASP A 64 -32.80 -1.96 -5.02
C ASP A 64 -32.10 -0.87 -4.20
N ARG A 65 -32.41 -0.79 -2.92
CA ARG A 65 -31.78 0.19 -2.05
C ARG A 65 -30.33 -0.19 -1.74
N GLU A 66 -30.08 -1.47 -1.52
CA GLU A 66 -28.75 -1.95 -1.19
C GLU A 66 -27.91 -1.84 -2.47
N VAL A 67 -28.51 -2.23 -3.58
CA VAL A 67 -27.85 -2.27 -4.88
C VAL A 67 -27.28 -0.92 -5.34
N GLN A 68 -28.04 0.15 -5.16
CA GLN A 68 -27.58 1.48 -5.57
C GLN A 68 -26.30 1.86 -4.83
N LEU A 69 -26.23 1.43 -3.58
CA LEU A 69 -25.07 1.72 -2.75
C LEU A 69 -23.84 0.95 -3.23
N LEU A 70 -24.08 -0.28 -3.70
CA LEU A 70 -22.99 -1.09 -4.25
C LEU A 70 -22.41 -0.42 -5.48
N ARG A 71 -23.27 0.13 -6.32
CA ARG A 71 -22.83 0.82 -7.52
C ARG A 71 -21.99 2.04 -7.15
N GLU A 72 -22.29 2.61 -5.99
CA GLU A 72 -21.65 3.83 -5.53
C GLU A 72 -20.34 3.55 -4.78
N SER A 73 -20.07 2.28 -4.49
CA SER A 73 -18.93 1.93 -3.65
C SER A 73 -18.23 0.62 -4.03
N ASP A 74 -18.54 0.08 -5.21
CA ASP A 74 -17.89 -1.16 -5.64
C ASP A 74 -16.51 -0.89 -6.22
N GLU A 75 -16.18 0.39 -6.37
CA GLU A 75 -14.88 0.81 -6.91
C GLU A 75 -13.75 0.31 -6.03
N HIS A 76 -14.02 0.20 -4.73
CA HIS A 76 -13.01 -0.16 -3.73
C HIS A 76 -12.73 -1.67 -3.71
N PRO A 77 -11.47 -2.06 -3.43
CA PRO A 77 -11.16 -3.49 -3.38
C PRO A 77 -11.84 -4.21 -2.23
N ASN A 78 -11.93 -3.53 -1.09
CA ASN A 78 -12.46 -4.13 0.12
C ASN A 78 -13.97 -3.98 0.24
N VAL A 79 -14.62 -3.60 -0.86
CA VAL A 79 -16.06 -3.61 -0.96
C VAL A 79 -16.46 -4.60 -2.06
N ILE A 80 -17.49 -5.39 -1.79
CA ILE A 80 -17.95 -6.40 -2.73
C ILE A 80 -18.34 -5.78 -4.07
N ARG A 81 -17.98 -6.46 -5.16
CA ARG A 81 -18.27 -5.97 -6.50
C ARG A 81 -19.61 -6.47 -7.01
N TYR A 82 -20.51 -5.53 -7.27
CA TYR A 82 -21.80 -5.82 -7.89
C TYR A 82 -21.71 -5.67 -9.40
N PHE A 83 -22.25 -6.67 -10.11
CA PHE A 83 -22.25 -6.67 -11.57
C PHE A 83 -23.57 -6.17 -12.14
N CYS A 84 -24.62 -6.95 -11.99
CA CYS A 84 -25.91 -6.60 -12.56
C CYS A 84 -27.07 -7.31 -11.86
N THR A 85 -28.28 -6.87 -12.17
CA THR A 85 -29.49 -7.54 -11.70
C THR A 85 -30.51 -7.68 -12.82
N GLU A 86 -31.22 -8.81 -12.83
CA GLU A 86 -32.30 -9.02 -13.77
C GLU A 86 -33.54 -9.58 -13.07
N LYS A 87 -34.70 -9.24 -13.62
CA LYS A 87 -35.98 -9.68 -13.09
C LYS A 87 -36.70 -10.55 -14.11
N ASP A 88 -37.34 -11.61 -13.62
CA ASP A 88 -38.11 -12.51 -14.47
C ASP A 88 -39.57 -12.38 -14.04
N ARG A 89 -40.42 -13.30 -14.51
CA ARG A 89 -41.84 -13.25 -14.20
C ARG A 89 -42.10 -13.27 -12.69
N GLN A 90 -41.25 -13.95 -11.93
CA GLN A 90 -41.49 -14.15 -10.50
C GLN A 90 -40.42 -13.55 -9.59
N PHE A 91 -39.15 -13.63 -9.99
CA PHE A 91 -38.04 -13.28 -9.10
C PHE A 91 -37.18 -12.12 -9.60
N GLN A 92 -36.21 -11.76 -8.76
CA GLN A 92 -35.14 -10.84 -9.12
C GLN A 92 -33.81 -11.47 -8.70
N TYR A 93 -32.86 -11.54 -9.62
CA TYR A 93 -31.58 -12.18 -9.35
C TYR A 93 -30.46 -11.14 -9.28
N ILE A 94 -29.62 -11.23 -8.25
CA ILE A 94 -28.55 -10.25 -8.03
C ILE A 94 -27.19 -10.90 -8.17
N ALA A 95 -26.34 -10.34 -9.04
CA ALA A 95 -25.03 -10.90 -9.32
C ALA A 95 -23.96 -10.29 -8.42
N ILE A 96 -23.14 -11.16 -7.83
CA ILE A 96 -22.06 -10.74 -6.95
C ILE A 96 -20.81 -11.55 -7.22
N GLU A 97 -19.65 -10.94 -7.07
CA GLU A 97 -18.38 -11.62 -7.23
C GLU A 97 -18.32 -12.87 -6.37
N LEU A 98 -18.01 -14.01 -6.98
CA LEU A 98 -17.95 -15.25 -6.22
C LEU A 98 -16.77 -15.19 -5.25
N CYS A 99 -17.04 -15.50 -4.00
CA CYS A 99 -16.03 -15.46 -2.95
C CYS A 99 -15.84 -16.84 -2.32
N ALA A 100 -14.63 -17.11 -1.85
CA ALA A 100 -14.26 -18.42 -1.34
C ALA A 100 -15.05 -18.77 -0.08
N ALA A 101 -15.18 -17.81 0.83
CA ALA A 101 -15.82 -18.07 2.12
C ALA A 101 -16.07 -16.77 2.87
N THR A 102 -16.75 -16.89 4.00
CA THR A 102 -16.96 -15.77 4.90
C THR A 102 -15.88 -15.74 5.98
N LEU A 103 -15.80 -14.63 6.70
CA LEU A 103 -14.90 -14.52 7.84
C LEU A 103 -15.32 -15.54 8.89
N GLN A 104 -16.60 -15.91 8.87
CA GLN A 104 -17.15 -16.90 9.79
C GLN A 104 -16.67 -18.32 9.46
N GLU A 105 -16.81 -18.72 8.20
CA GLU A 105 -16.33 -20.02 7.76
C GLU A 105 -14.81 -20.10 7.90
N TYR A 106 -14.18 -18.93 7.84
CA TYR A 106 -12.73 -18.80 7.89
C TYR A 106 -12.19 -19.01 9.31
N VAL A 107 -12.96 -18.59 10.30
CA VAL A 107 -12.56 -18.73 11.70
C VAL A 107 -12.94 -20.10 12.28
N GLU A 108 -14.08 -20.63 11.84
CA GLU A 108 -14.62 -21.84 12.43
C GLU A 108 -14.06 -23.12 11.83
N GLN A 109 -13.23 -23.00 10.80
CA GLN A 109 -12.75 -24.16 10.06
C GLN A 109 -11.28 -24.08 9.66
N LYS A 110 -10.76 -22.86 9.50
CA LYS A 110 -9.44 -22.68 8.93
C LYS A 110 -8.43 -22.36 10.04
N ASP A 111 -7.33 -23.11 10.05
CA ASP A 111 -6.30 -23.01 11.08
C ASP A 111 -5.34 -21.83 10.89
N PHE A 112 -5.09 -21.10 11.98
CA PHE A 112 -4.29 -19.87 11.92
C PHE A 112 -2.79 -20.11 12.09
N ALA A 113 -2.38 -21.35 12.32
CA ALA A 113 -0.97 -21.64 12.55
C ALA A 113 -0.18 -21.57 11.25
N HIS A 114 -0.86 -21.76 10.13
CA HIS A 114 -0.24 -21.73 8.80
C HIS A 114 -0.70 -20.51 8.02
N LEU A 115 -1.04 -19.45 8.75
CA LEU A 115 -1.49 -18.20 8.14
C LEU A 115 -0.64 -17.05 8.64
N GLY A 116 -0.46 -16.99 9.96
CA GLY A 116 0.42 -15.98 10.54
C GLY A 116 -0.15 -14.59 10.38
N LEU A 117 0.14 -14.01 9.22
CA LEU A 117 -0.16 -12.61 8.94
C LEU A 117 -1.51 -12.36 8.26
N GLU A 118 -2.20 -13.44 7.88
CA GLU A 118 -3.43 -13.31 7.11
C GLU A 118 -4.60 -12.66 7.86
N PRO A 119 -4.89 -13.13 9.09
CA PRO A 119 -6.04 -12.58 9.83
C PRO A 119 -5.95 -11.08 10.10
N ILE A 120 -4.76 -10.59 10.43
CA ILE A 120 -4.58 -9.17 10.72
C ILE A 120 -4.83 -8.38 9.46
N THR A 121 -4.46 -8.94 8.32
CA THR A 121 -4.64 -8.29 7.03
C THR A 121 -6.12 -8.11 6.70
N LEU A 122 -6.94 -9.08 7.11
CA LEU A 122 -8.37 -9.03 6.81
C LEU A 122 -9.09 -7.91 7.55
N LEU A 123 -8.52 -7.48 8.67
CA LEU A 123 -9.13 -6.43 9.48
C LEU A 123 -8.72 -5.07 8.94
N GLN A 124 -7.50 -4.99 8.43
CA GLN A 124 -7.02 -3.79 7.76
C GLN A 124 -7.84 -3.55 6.50
N GLN A 125 -8.10 -4.63 5.77
CA GLN A 125 -8.93 -4.58 4.57
C GLN A 125 -10.37 -4.21 4.91
N THR A 126 -10.95 -4.94 5.85
CA THR A 126 -12.33 -4.71 6.28
C THR A 126 -12.51 -3.29 6.80
N THR A 127 -11.53 -2.82 7.57
CA THR A 127 -11.59 -1.49 8.15
C THR A 127 -11.44 -0.43 7.07
N SER A 128 -10.66 -0.74 6.03
CA SER A 128 -10.46 0.19 4.93
C SER A 128 -11.74 0.31 4.10
N GLY A 129 -12.40 -0.82 3.88
CA GLY A 129 -13.64 -0.83 3.12
C GLY A 129 -14.75 -0.18 3.89
N LEU A 130 -14.72 -0.37 5.21
CA LEU A 130 -15.70 0.24 6.10
C LEU A 130 -15.51 1.75 6.11
N ALA A 131 -14.27 2.18 5.93
CA ALA A 131 -13.94 3.60 5.85
C ALA A 131 -14.39 4.19 4.51
N HIS A 132 -14.36 3.37 3.47
CA HIS A 132 -14.76 3.80 2.14
C HIS A 132 -16.22 4.22 2.13
N LEU A 133 -17.02 3.59 2.98
CA LEU A 133 -18.43 3.96 3.14
C LEU A 133 -18.54 5.30 3.85
N HIS A 134 -17.73 5.49 4.88
CA HIS A 134 -17.75 6.72 5.67
C HIS A 134 -17.36 7.93 4.83
N SER A 135 -16.51 7.72 3.83
CA SER A 135 -16.09 8.79 2.93
C SER A 135 -17.23 9.19 2.01
N LEU A 136 -18.21 8.31 1.85
CA LEU A 136 -19.36 8.55 0.99
C LEU A 136 -20.60 8.83 1.83
N ASN A 137 -20.39 9.17 3.10
CA ASN A 137 -21.47 9.49 4.02
C ASN A 137 -22.47 8.34 4.15
N ILE A 138 -21.97 7.12 4.04
CA ILE A 138 -22.80 5.93 4.19
C ILE A 138 -22.49 5.30 5.54
N VAL A 139 -23.51 4.71 6.17
CA VAL A 139 -23.36 4.05 7.45
C VAL A 139 -23.73 2.58 7.36
N HIS A 140 -22.77 1.72 7.67
CA HIS A 140 -23.01 0.29 7.79
C HIS A 140 -23.65 0.03 9.14
N ARG A 141 -24.64 -0.86 9.19
CA ARG A 141 -25.38 -1.11 10.42
C ARG A 141 -25.33 -2.56 10.88
N ASP A 142 -25.42 -3.48 9.93
CA ASP A 142 -25.36 -4.92 10.24
C ASP A 142 -24.03 -5.52 9.83
N LEU A 143 -22.94 -5.05 10.44
CA LEU A 143 -21.61 -5.54 10.08
C LEU A 143 -21.26 -6.74 10.96
N LYS A 144 -21.13 -7.90 10.35
CA LYS A 144 -20.74 -9.11 11.07
C LYS A 144 -20.13 -10.16 10.14
N PRO A 145 -19.32 -11.07 10.69
CA PRO A 145 -18.56 -12.05 9.89
C PRO A 145 -19.34 -12.81 8.83
N HIS A 146 -20.64 -12.98 9.01
CA HIS A 146 -21.45 -13.69 8.02
C HIS A 146 -21.61 -12.78 6.79
N ASN A 147 -21.38 -11.48 6.98
CA ASN A 147 -21.41 -10.50 5.90
C ASN A 147 -20.02 -10.22 5.32
N ILE A 148 -18.99 -10.39 6.13
CA ILE A 148 -17.61 -10.24 5.64
C ILE A 148 -17.28 -11.40 4.73
N LEU A 149 -16.82 -11.09 3.52
CA LEU A 149 -16.56 -12.09 2.51
C LEU A 149 -15.07 -12.21 2.21
N ILE A 150 -14.60 -13.44 2.05
CA ILE A 150 -13.19 -13.71 1.79
C ILE A 150 -12.98 -14.05 0.32
N SER A 151 -12.14 -13.26 -0.34
CA SER A 151 -11.89 -13.42 -1.77
C SER A 151 -11.26 -14.78 -2.10
N MET A 152 -11.32 -15.13 -3.39
CA MET A 152 -10.70 -16.35 -3.88
C MET A 152 -9.18 -16.18 -3.89
N PRO A 153 -8.43 -17.29 -3.79
CA PRO A 153 -6.96 -17.20 -3.79
C PRO A 153 -6.43 -16.55 -5.06
N ASN A 154 -5.50 -15.60 -4.94
CA ASN A 154 -4.91 -14.99 -6.13
C ASN A 154 -3.84 -15.92 -6.69
N ALA A 155 -3.12 -15.46 -7.70
CA ALA A 155 -2.04 -16.25 -8.28
C ALA A 155 -0.91 -16.52 -7.29
N HIS A 156 -0.54 -15.49 -6.52
CA HIS A 156 0.48 -15.66 -5.47
C HIS A 156 -0.02 -16.58 -4.37
N GLY A 157 -1.33 -16.62 -4.19
CA GLY A 157 -1.96 -17.39 -3.13
C GLY A 157 -2.58 -16.53 -2.04
N LYS A 158 -2.46 -15.21 -2.17
CA LYS A 158 -3.01 -14.30 -1.17
C LYS A 158 -4.50 -14.10 -1.38
N ILE A 159 -5.17 -13.57 -0.37
CA ILE A 159 -6.62 -13.35 -0.39
C ILE A 159 -6.94 -11.97 0.15
N LYS A 160 -8.22 -11.58 0.09
CA LYS A 160 -8.65 -10.29 0.63
C LYS A 160 -10.11 -10.33 1.09
N ALA A 161 -10.48 -9.34 1.91
CA ALA A 161 -11.82 -9.29 2.50
C ALA A 161 -12.71 -8.24 1.83
N MET A 162 -14.02 -8.49 1.83
CA MET A 162 -14.98 -7.55 1.25
C MET A 162 -16.32 -7.54 2.01
N ILE A 163 -16.86 -6.33 2.17
CA ILE A 163 -18.09 -6.11 2.93
C ILE A 163 -19.35 -6.27 2.08
N SER A 164 -20.46 -6.63 2.73
CA SER A 164 -21.77 -6.67 2.07
C SER A 164 -22.83 -6.14 3.04
N ASP A 165 -24.06 -5.95 2.55
CA ASP A 165 -25.20 -5.55 3.39
C ASP A 165 -24.94 -4.21 4.09
N PHE A 166 -25.31 -3.11 3.43
CA PHE A 166 -25.04 -1.77 3.97
C PHE A 166 -26.27 -1.14 4.64
N GLY A 167 -27.13 -1.96 5.22
CA GLY A 167 -28.30 -1.46 5.91
C GLY A 167 -29.48 -1.25 4.98
N GLU A 189 -28.49 -8.32 17.54
CA GLU A 189 -28.01 -9.67 17.27
C GLU A 189 -26.66 -9.94 17.94
N GLY A 190 -26.17 -8.94 18.67
CA GLY A 190 -24.93 -9.07 19.42
C GLY A 190 -23.80 -8.25 18.85
N TRP A 191 -23.91 -7.89 17.57
CA TRP A 191 -22.93 -7.04 16.92
C TRP A 191 -23.46 -5.61 16.85
N ILE A 192 -24.63 -5.41 17.45
CA ILE A 192 -25.31 -4.13 17.42
C ILE A 192 -24.81 -3.23 18.54
N ALA A 193 -24.80 -1.92 18.28
CA ALA A 193 -24.42 -0.96 19.31
C ALA A 193 -25.63 -0.70 20.21
N PRO A 194 -25.39 -0.36 21.48
CA PRO A 194 -26.53 -0.11 22.36
C PRO A 194 -27.31 1.13 21.97
N GLU A 195 -26.62 2.10 21.36
CA GLU A 195 -27.24 3.35 20.95
C GLU A 195 -28.18 3.15 19.77
N THR A 206 -24.70 6.49 13.73
CA THR A 206 -23.65 7.33 13.19
C THR A 206 -22.44 6.49 12.79
N TYR A 207 -21.33 7.14 12.48
CA TYR A 207 -20.10 6.44 12.10
C TYR A 207 -19.54 5.60 13.23
N THR A 208 -19.69 6.08 14.47
CA THR A 208 -19.09 5.43 15.62
C THR A 208 -19.74 4.06 15.88
N VAL A 209 -20.89 3.83 15.27
CA VAL A 209 -21.60 2.57 15.40
C VAL A 209 -20.83 1.42 14.76
N ASP A 210 -20.30 1.66 13.57
CA ASP A 210 -19.59 0.62 12.82
C ASP A 210 -18.30 0.23 13.53
N ILE A 211 -17.77 1.15 14.33
CA ILE A 211 -16.55 0.88 15.09
C ILE A 211 -16.86 -0.15 16.17
N PHE A 212 -18.07 -0.06 16.72
CA PHE A 212 -18.51 -0.95 17.77
C PHE A 212 -18.62 -2.36 17.23
N SER A 213 -19.28 -2.51 16.09
CA SER A 213 -19.41 -3.79 15.42
C SER A 213 -18.04 -4.35 15.09
N ALA A 214 -17.17 -3.50 14.58
CA ALA A 214 -15.84 -3.93 14.14
C ALA A 214 -14.98 -4.40 15.31
N GLY A 215 -15.05 -3.67 16.42
CA GLY A 215 -14.27 -4.02 17.60
C GLY A 215 -14.63 -5.40 18.08
N CYS A 216 -15.88 -5.80 17.84
CA CYS A 216 -16.33 -7.14 18.20
C CYS A 216 -15.83 -8.15 17.17
N VAL A 217 -15.71 -7.72 15.92
CA VAL A 217 -15.19 -8.58 14.86
C VAL A 217 -13.69 -8.80 15.02
N PHE A 218 -12.98 -7.78 15.49
CA PHE A 218 -11.56 -7.91 15.73
C PHE A 218 -11.32 -9.00 16.76
N TYR A 219 -11.98 -8.88 17.90
CA TYR A 219 -11.89 -9.88 18.95
C TYR A 219 -12.34 -11.24 18.45
N TYR A 220 -13.29 -11.26 17.52
CA TYR A 220 -13.79 -12.50 16.95
C TYR A 220 -12.72 -13.27 16.17
N VAL A 221 -11.93 -12.55 15.39
CA VAL A 221 -10.85 -13.18 14.62
C VAL A 221 -9.72 -13.57 15.56
N ILE A 222 -9.36 -12.67 16.46
CA ILE A 222 -8.31 -12.90 17.44
C ILE A 222 -8.66 -14.06 18.37
N SER A 223 -9.91 -14.10 18.82
CA SER A 223 -10.36 -15.13 19.76
C SER A 223 -10.73 -16.44 19.06
N GLU A 224 -10.58 -16.49 17.75
CA GLU A 224 -10.88 -17.69 16.97
C GLU A 224 -12.34 -18.13 17.12
N GLY A 225 -13.20 -17.21 17.54
CA GLY A 225 -14.63 -17.47 17.59
C GLY A 225 -15.41 -16.86 18.76
N SER A 226 -14.70 -16.34 19.76
CA SER A 226 -15.36 -15.78 20.94
C SER A 226 -15.88 -14.37 20.63
N HIS A 227 -16.62 -13.80 21.57
CA HIS A 227 -17.24 -12.49 21.39
C HIS A 227 -17.09 -11.66 22.67
N PRO A 228 -16.69 -10.38 22.55
CA PRO A 228 -16.41 -9.56 23.74
C PRO A 228 -17.55 -9.44 24.75
N PHE A 229 -18.78 -9.46 24.25
CA PHE A 229 -19.96 -9.24 25.09
C PHE A 229 -20.70 -10.55 25.35
N GLY A 230 -19.97 -11.65 25.30
CA GLY A 230 -20.51 -12.96 25.64
C GLY A 230 -21.15 -13.67 24.47
N LYS A 231 -21.83 -14.77 24.75
CA LYS A 231 -22.47 -15.59 23.74
C LYS A 231 -23.87 -15.09 23.42
N SER A 232 -24.51 -15.70 22.42
CA SER A 232 -25.85 -15.29 21.99
C SER A 232 -26.84 -15.35 23.14
N LEU A 233 -27.91 -14.56 23.04
CA LEU A 233 -28.96 -14.48 24.05
C LEU A 233 -28.47 -13.78 25.31
N GLN A 234 -27.22 -13.32 25.29
CA GLN A 234 -26.67 -12.49 26.35
C GLN A 234 -25.78 -11.39 25.78
N ARG A 235 -25.55 -11.43 24.48
CA ARG A 235 -24.79 -10.38 23.80
C ARG A 235 -25.54 -9.05 23.84
N GLN A 236 -26.84 -9.09 23.56
CA GLN A 236 -27.65 -7.87 23.54
C GLN A 236 -27.76 -7.28 24.94
N ALA A 237 -28.02 -8.14 25.93
CA ALA A 237 -28.26 -7.68 27.29
C ALA A 237 -27.00 -7.10 27.91
N ASN A 238 -25.88 -7.79 27.76
CA ASN A 238 -24.63 -7.36 28.36
C ASN A 238 -24.11 -6.07 27.75
N ILE A 239 -24.51 -5.81 26.50
CA ILE A 239 -24.17 -4.57 25.82
C ILE A 239 -24.86 -3.38 26.47
N LEU A 240 -26.14 -3.53 26.79
CA LEU A 240 -26.90 -2.50 27.47
C LEU A 240 -26.24 -2.14 28.79
N LEU A 241 -25.76 -3.18 29.49
CA LEU A 241 -25.15 -3.02 30.79
C LEU A 241 -23.77 -2.39 30.65
N GLY A 242 -23.07 -2.77 29.58
CA GLY A 242 -21.72 -2.30 29.34
C GLY A 242 -20.71 -3.38 29.74
N ALA A 243 -21.21 -4.59 29.95
CA ALA A 243 -20.38 -5.70 30.39
C ALA A 243 -19.50 -6.24 29.26
N CYS A 244 -18.21 -5.96 29.35
CA CYS A 244 -17.23 -6.50 28.43
C CYS A 244 -16.23 -7.38 29.16
N SER A 245 -15.71 -8.38 28.45
CA SER A 245 -14.67 -9.25 29.00
C SER A 245 -13.75 -9.70 27.89
N LEU A 246 -12.54 -9.14 27.89
CA LEU A 246 -11.53 -9.48 26.89
C LEU A 246 -10.45 -10.34 27.55
N ASP A 247 -10.89 -11.34 28.30
CA ASP A 247 -9.99 -12.16 29.08
C ASP A 247 -9.24 -13.18 28.22
N CYS A 248 -9.50 -13.17 26.92
CA CYS A 248 -8.67 -13.91 25.97
C CYS A 248 -7.40 -13.11 25.69
N LEU A 249 -7.36 -11.90 26.23
CA LEU A 249 -6.22 -11.01 26.10
C LEU A 249 -5.68 -10.67 27.49
N HIS A 250 -4.58 -11.32 27.86
CA HIS A 250 -3.97 -11.12 29.17
C HIS A 250 -2.78 -10.17 29.05
N PRO A 251 -2.51 -9.36 30.09
CA PRO A 251 -1.38 -8.43 30.01
C PRO A 251 -0.01 -9.08 30.13
N GLU A 252 0.05 -10.41 30.06
CA GLU A 252 1.31 -11.12 30.15
C GLU A 252 1.99 -11.28 28.79
N LYS A 253 1.36 -10.74 27.74
CA LYS A 253 1.91 -10.79 26.39
C LYS A 253 1.76 -9.45 25.68
N HIS A 254 2.68 -9.18 24.76
CA HIS A 254 2.72 -7.89 24.06
C HIS A 254 1.52 -7.69 23.14
N GLU A 255 1.24 -8.67 22.30
CA GLU A 255 0.17 -8.57 21.31
C GLU A 255 -1.18 -8.33 21.98
N ASP A 256 -1.46 -9.08 23.04
CA ASP A 256 -2.75 -9.04 23.71
C ASP A 256 -3.11 -7.64 24.21
N VAL A 257 -2.12 -6.95 24.80
CA VAL A 257 -2.34 -5.61 25.34
C VAL A 257 -2.66 -4.62 24.23
N ILE A 258 -1.84 -4.66 23.18
CA ILE A 258 -2.00 -3.76 22.04
C ILE A 258 -3.38 -3.96 21.38
N ALA A 259 -3.90 -5.17 21.49
CA ALA A 259 -5.22 -5.48 20.94
C ALA A 259 -6.32 -4.93 21.86
N ARG A 260 -6.08 -4.99 23.17
CA ARG A 260 -7.06 -4.52 24.14
C ARG A 260 -7.26 -3.01 24.08
N GLU A 261 -6.16 -2.25 24.07
CA GLU A 261 -6.23 -0.79 24.10
C GLU A 261 -7.07 -0.27 22.95
N LEU A 262 -6.88 -0.86 21.77
CA LEU A 262 -7.64 -0.46 20.59
C LEU A 262 -9.12 -0.81 20.75
N ILE A 263 -9.39 -2.06 21.07
CA ILE A 263 -10.77 -2.54 21.16
C ILE A 263 -11.54 -1.88 22.31
N GLU A 264 -10.87 -1.66 23.43
CA GLU A 264 -11.49 -0.96 24.56
C GLU A 264 -12.10 0.36 24.11
N LYS A 265 -11.38 1.07 23.27
CA LYS A 265 -11.82 2.34 22.73
C LYS A 265 -12.99 2.14 21.77
N MET A 266 -12.95 1.05 21.01
CA MET A 266 -13.91 0.78 19.95
C MET A 266 -15.28 0.35 20.48
N ILE A 267 -15.29 -0.60 21.41
CA ILE A 267 -16.53 -1.13 21.95
C ILE A 267 -17.02 -0.26 23.12
N ALA A 268 -16.37 0.89 23.29
CA ALA A 268 -16.63 1.79 24.41
C ALA A 268 -18.07 2.30 24.44
N MET A 269 -18.64 2.41 25.63
CA MET A 269 -19.96 3.01 25.81
C MET A 269 -20.00 4.40 25.20
N ASP A 270 -19.02 5.22 25.56
CA ASP A 270 -18.93 6.58 25.04
C ASP A 270 -18.69 6.55 23.54
N PRO A 271 -19.73 6.89 22.74
CA PRO A 271 -19.59 6.73 21.29
C PRO A 271 -18.48 7.61 20.70
N GLN A 272 -18.26 8.78 21.29
CA GLN A 272 -17.25 9.71 20.81
C GLN A 272 -15.85 9.26 21.23
N LYS A 273 -15.79 8.24 22.08
CA LYS A 273 -14.51 7.70 22.55
C LYS A 273 -14.03 6.57 21.66
N ARG A 274 -14.65 6.44 20.48
CA ARG A 274 -14.35 5.36 19.56
C ARG A 274 -13.51 5.87 18.40
N PRO A 275 -12.41 5.17 18.06
CA PRO A 275 -11.56 5.65 16.96
C PRO A 275 -12.27 5.65 15.62
N SER A 276 -11.93 6.62 14.76
CA SER A 276 -12.41 6.60 13.39
C SER A 276 -11.79 5.41 12.67
N ALA A 277 -12.28 5.10 11.47
CA ALA A 277 -11.78 3.94 10.74
C ALA A 277 -10.31 4.09 10.35
N LYS A 278 -9.93 5.28 9.90
CA LYS A 278 -8.56 5.51 9.45
C LYS A 278 -7.61 5.64 10.65
N HIS A 279 -8.16 5.98 11.81
CA HIS A 279 -7.36 6.04 13.03
C HIS A 279 -6.89 4.64 13.40
N VAL A 280 -7.81 3.68 13.32
CA VAL A 280 -7.53 2.30 13.66
C VAL A 280 -6.35 1.72 12.87
N LEU A 281 -6.22 2.17 11.62
CA LEU A 281 -5.19 1.65 10.72
C LEU A 281 -3.78 2.13 11.06
N LYS A 282 -3.68 3.24 11.77
CA LYS A 282 -2.38 3.79 12.16
C LYS A 282 -2.09 3.43 13.62
N HIS A 283 -2.82 2.43 14.11
CA HIS A 283 -2.65 1.93 15.47
C HIS A 283 -1.56 0.85 15.47
N PRO A 284 -0.83 0.71 16.60
CA PRO A 284 0.19 -0.35 16.71
C PRO A 284 -0.32 -1.76 16.41
N PHE A 285 -1.63 -1.95 16.36
CA PHE A 285 -2.21 -3.25 16.07
C PHE A 285 -1.81 -3.78 14.69
N PHE A 286 -1.57 -2.86 13.77
CA PHE A 286 -1.20 -3.23 12.39
C PHE A 286 0.26 -2.93 12.07
N TRP A 287 1.01 -2.42 13.05
CA TRP A 287 2.40 -2.05 12.82
C TRP A 287 3.32 -3.25 12.64
N SER A 288 4.38 -3.03 11.86
CA SER A 288 5.45 -4.01 11.69
C SER A 288 6.56 -3.79 12.70
N LEU A 289 7.44 -4.77 12.84
CA LEU A 289 8.52 -4.69 13.81
C LEU A 289 9.55 -3.61 13.45
N GLU A 290 9.63 -3.26 12.17
CA GLU A 290 10.50 -2.18 11.74
C GLU A 290 9.96 -0.85 12.24
N LYS A 291 8.63 -0.75 12.27
CA LYS A 291 7.97 0.49 12.64
C LYS A 291 7.86 0.65 14.15
N GLN A 292 7.68 -0.45 14.88
CA GLN A 292 7.70 -0.42 16.33
C GLN A 292 9.02 0.12 16.85
N LEU A 293 10.10 -0.36 16.25
CA LEU A 293 11.44 -0.02 16.71
C LEU A 293 11.79 1.42 16.37
N GLN A 294 11.54 1.80 15.12
CA GLN A 294 11.87 3.16 14.66
C GLN A 294 11.04 4.18 15.40
N PHE A 295 9.88 3.76 15.92
CA PHE A 295 9.04 4.61 16.73
C PHE A 295 9.71 4.86 18.08
N PHE A 296 10.22 3.81 18.70
CA PHE A 296 10.90 3.94 19.98
C PHE A 296 12.09 4.89 19.86
N GLN A 297 12.78 4.80 18.73
CA GLN A 297 13.95 5.63 18.47
C GLN A 297 13.60 7.10 18.28
N ASP A 298 12.56 7.36 17.50
CA ASP A 298 12.11 8.73 17.26
C ASP A 298 11.69 9.34 18.59
N VAL A 299 11.07 8.52 19.43
CA VAL A 299 10.67 8.95 20.77
C VAL A 299 11.91 9.16 21.63
N SER A 300 12.86 8.23 21.53
CA SER A 300 14.05 8.28 22.37
C SER A 300 14.90 9.50 22.07
N ASP A 301 15.11 9.80 20.79
CA ASP A 301 15.89 10.97 20.40
C ASP A 301 15.13 12.25 20.72
N ARG A 302 13.80 12.15 20.77
CA ARG A 302 12.93 13.30 20.96
C ARG A 302 12.92 13.82 22.39
N ILE A 303 13.09 12.90 23.35
CA ILE A 303 13.01 13.27 24.75
C ILE A 303 14.40 13.40 25.38
N GLU A 304 15.40 13.61 24.53
CA GLU A 304 16.78 13.66 24.98
C GLU A 304 17.07 14.98 25.70
N LYS A 305 16.46 16.06 25.21
CA LYS A 305 16.69 17.39 25.79
C LYS A 305 15.52 17.83 26.67
N GLU A 306 14.42 17.08 26.64
CA GLU A 306 13.26 17.41 27.45
C GLU A 306 13.63 17.27 28.92
N SER A 307 13.16 18.18 29.75
CA SER A 307 13.47 18.16 31.18
C SER A 307 12.73 17.05 31.92
N LEU A 308 13.31 16.60 33.01
CA LEU A 308 12.73 15.54 33.84
C LEU A 308 11.41 16.03 34.44
N ASP A 309 11.28 17.34 34.56
CA ASP A 309 10.04 17.97 35.01
C ASP A 309 9.13 18.24 33.82
N GLY A 310 9.47 17.62 32.69
CA GLY A 310 8.74 17.82 31.45
C GLY A 310 7.39 17.14 31.46
N PRO A 311 6.40 17.73 30.75
CA PRO A 311 5.05 17.17 30.73
C PRO A 311 5.07 15.74 30.19
N ILE A 312 6.00 15.49 29.28
CA ILE A 312 6.10 14.22 28.57
C ILE A 312 6.69 13.09 29.43
N VAL A 313 7.81 13.37 30.08
CA VAL A 313 8.51 12.32 30.83
C VAL A 313 7.66 11.88 32.01
N LYS A 314 6.97 12.84 32.63
CA LYS A 314 6.04 12.53 33.70
C LYS A 314 4.95 11.63 33.14
N GLN A 315 4.48 11.98 31.94
CA GLN A 315 3.44 11.23 31.26
C GLN A 315 3.97 9.84 30.94
N LEU A 316 5.27 9.79 30.69
CA LEU A 316 5.95 8.58 30.24
C LEU A 316 6.32 7.66 31.39
N GLU A 317 6.80 8.26 32.48
CA GLU A 317 7.20 7.51 33.67
C GLU A 317 5.99 7.22 34.57
N ARG A 318 4.86 7.83 34.27
CA ARG A 318 3.63 7.61 35.03
C ARG A 318 3.13 6.18 34.85
N GLY A 319 3.27 5.37 35.89
CA GLY A 319 2.91 3.96 35.83
C GLY A 319 4.00 3.15 35.17
N GLY A 320 5.23 3.64 35.27
CA GLY A 320 6.37 3.01 34.63
C GLY A 320 6.84 1.78 35.38
N ARG A 321 6.72 1.80 36.71
CA ARG A 321 7.21 0.71 37.55
C ARG A 321 6.59 -0.62 37.13
N ALA A 322 5.32 -0.60 36.77
CA ALA A 322 4.64 -1.80 36.30
C ALA A 322 5.10 -2.14 34.90
N VAL A 323 5.47 -1.12 34.12
CA VAL A 323 5.92 -1.33 32.75
C VAL A 323 7.32 -1.95 32.75
N VAL A 324 8.19 -1.44 33.62
CA VAL A 324 9.58 -1.89 33.67
C VAL A 324 9.80 -2.95 34.75
N LYS A 325 8.72 -3.36 35.40
CA LYS A 325 8.79 -4.35 36.47
C LYS A 325 9.77 -3.91 37.55
N MET A 326 9.68 -2.63 37.95
CA MET A 326 10.46 -2.06 39.03
C MET A 326 11.92 -1.79 38.63
N ASP A 327 12.61 -2.83 38.17
CA ASP A 327 14.01 -2.71 37.76
C ASP A 327 14.28 -3.54 36.50
N TRP A 328 14.35 -2.90 35.34
CA TRP A 328 14.47 -3.65 34.09
C TRP A 328 15.85 -4.28 33.92
N ARG A 329 16.83 -3.83 34.71
CA ARG A 329 18.15 -4.44 34.66
C ARG A 329 18.08 -5.88 35.13
N GLU A 330 17.09 -6.18 35.96
CA GLU A 330 16.93 -7.50 36.54
C GLU A 330 16.11 -8.42 35.64
N ASN A 331 15.26 -7.83 34.80
CA ASN A 331 14.33 -8.59 33.99
C ASN A 331 14.98 -9.11 32.70
N ILE A 332 16.18 -8.63 32.41
CA ILE A 332 16.86 -8.97 31.16
C ILE A 332 18.00 -9.97 31.37
N THR A 333 18.58 -10.43 30.28
CA THR A 333 19.61 -11.46 30.30
C THR A 333 20.91 -10.98 30.95
N VAL A 334 21.71 -11.94 31.42
CA VAL A 334 22.94 -11.65 32.15
C VAL A 334 24.00 -10.92 31.29
N PRO A 335 24.29 -11.46 30.10
CA PRO A 335 25.34 -10.85 29.25
C PRO A 335 25.07 -9.38 28.93
N LEU A 336 23.82 -9.03 28.65
CA LEU A 336 23.45 -7.65 28.38
C LEU A 336 23.56 -6.84 29.66
N GLN A 337 23.03 -7.41 30.74
CA GLN A 337 23.08 -6.81 32.07
C GLN A 337 24.51 -6.47 32.47
N THR A 338 25.45 -7.28 31.97
CA THR A 338 26.87 -7.09 32.26
C THR A 338 27.52 -6.15 31.25
N ASP A 339 26.80 -5.81 30.18
CA ASP A 339 27.34 -4.93 29.15
C ASP A 339 26.87 -3.49 29.35
N LEU A 340 26.05 -3.27 30.37
CA LEU A 340 25.61 -1.92 30.74
C LEU A 340 26.51 -1.33 31.82
N THR A 345 24.33 5.99 32.76
CA THR A 345 23.45 6.20 33.92
C THR A 345 22.02 5.79 33.59
N TYR A 346 21.78 4.49 33.63
CA TYR A 346 20.46 3.94 33.29
C TYR A 346 19.70 3.55 34.55
N LYS A 347 18.56 4.20 34.76
CA LYS A 347 17.71 3.93 35.92
C LYS A 347 16.73 2.78 35.69
N GLY A 348 16.50 2.00 36.73
CA GLY A 348 15.63 0.83 36.66
C GLY A 348 14.17 1.20 36.49
N GLY A 349 13.69 2.16 37.29
CA GLY A 349 12.32 2.61 37.22
C GLY A 349 12.08 3.59 36.09
N SER A 350 13.05 3.72 35.20
CA SER A 350 13.00 4.70 34.12
C SER A 350 12.70 4.11 32.75
N VAL A 351 11.59 4.56 32.17
CA VAL A 351 11.26 4.23 30.78
C VAL A 351 12.26 4.93 29.88
N ARG A 352 12.55 6.18 30.22
CA ARG A 352 13.42 7.04 29.42
C ARG A 352 14.82 6.44 29.27
N ASP A 353 15.36 5.92 30.37
CA ASP A 353 16.68 5.30 30.34
C ASP A 353 16.61 3.95 29.64
N LEU A 354 15.48 3.27 29.79
CA LEU A 354 15.25 2.00 29.10
C LEU A 354 15.23 2.22 27.59
N LEU A 355 14.48 3.23 27.15
CA LEU A 355 14.43 3.58 25.75
C LEU A 355 15.79 4.10 25.27
N ARG A 356 16.51 4.77 26.16
CA ARG A 356 17.84 5.28 25.84
C ARG A 356 18.81 4.13 25.56
N ALA A 357 18.71 3.07 26.35
CA ALA A 357 19.55 1.90 26.15
C ALA A 357 19.28 1.27 24.79
N MET A 358 18.00 1.12 24.46
CA MET A 358 17.57 0.50 23.22
C MET A 358 18.00 1.29 22.01
N ARG A 359 17.94 2.62 22.12
CA ARG A 359 18.36 3.50 21.04
C ARG A 359 19.86 3.40 20.77
N ASN A 360 20.65 3.49 21.83
CA ASN A 360 22.11 3.46 21.71
C ASN A 360 22.68 2.07 21.42
N LYS A 361 22.00 1.03 21.91
CA LYS A 361 22.46 -0.34 21.67
C LYS A 361 22.24 -0.78 20.23
N LYS A 362 21.15 -0.31 19.62
CA LYS A 362 20.89 -0.58 18.21
C LYS A 362 21.87 0.21 17.36
N HIS A 363 22.08 1.46 17.74
CA HIS A 363 22.95 2.38 17.02
C HIS A 363 24.33 1.74 16.85
N HIS A 364 24.80 1.11 17.91
CA HIS A 364 26.12 0.51 17.95
C HIS A 364 26.02 -1.01 17.97
N TYR A 365 25.02 -1.53 17.28
CA TYR A 365 24.77 -2.97 17.23
C TYR A 365 25.95 -3.72 16.62
N ARG A 366 26.56 -3.14 15.59
CA ARG A 366 27.67 -3.79 14.90
C ARG A 366 28.93 -3.73 15.75
N GLU A 367 28.92 -2.86 16.75
CA GLU A 367 30.05 -2.72 17.67
C GLU A 367 29.88 -3.60 18.90
N LEU A 368 28.72 -4.23 19.04
CA LEU A 368 28.44 -5.04 20.22
C LEU A 368 29.13 -6.40 20.15
N PRO A 369 29.39 -7.00 21.32
CA PRO A 369 29.97 -8.36 21.41
C PRO A 369 29.07 -9.45 20.81
N ALA A 370 29.67 -10.57 20.43
CA ALA A 370 28.93 -11.68 19.87
C ALA A 370 28.02 -12.32 20.92
N GLU A 371 28.35 -12.10 22.19
CA GLU A 371 27.56 -12.64 23.29
C GLU A 371 26.23 -11.91 23.39
N VAL A 372 26.27 -10.60 23.17
CA VAL A 372 25.08 -9.76 23.29
C VAL A 372 24.24 -9.79 22.02
N ARG A 373 24.88 -9.70 20.86
CA ARG A 373 24.18 -9.70 19.58
C ARG A 373 23.34 -10.96 19.40
N GLU A 374 23.78 -12.05 20.02
CA GLU A 374 23.07 -13.32 19.96
C GLU A 374 21.78 -13.25 20.79
N THR A 375 21.90 -12.67 21.98
CA THR A 375 20.78 -12.60 22.91
C THR A 375 19.82 -11.46 22.54
N LEU A 376 20.37 -10.32 22.13
CA LEU A 376 19.54 -9.19 21.73
C LEU A 376 18.69 -9.55 20.53
N GLY A 377 19.23 -10.39 19.65
CA GLY A 377 18.52 -10.85 18.48
C GLY A 377 18.91 -10.08 17.23
N SER A 378 18.72 -10.71 16.08
CA SER A 378 19.01 -10.08 14.80
C SER A 378 18.11 -8.86 14.58
N LEU A 379 18.62 -7.89 13.82
CA LEU A 379 17.88 -6.66 13.60
C LEU A 379 16.81 -6.83 12.52
N PRO A 380 15.63 -6.20 12.69
CA PRO A 380 15.09 -5.49 13.86
C PRO A 380 14.05 -6.33 14.60
N ASP A 381 13.71 -7.48 14.04
CA ASP A 381 12.58 -8.27 14.52
C ASP A 381 12.79 -8.81 15.93
N ASP A 382 13.71 -9.75 16.08
CA ASP A 382 13.98 -10.35 17.39
C ASP A 382 14.47 -9.29 18.36
N PHE A 383 15.00 -8.19 17.83
CA PHE A 383 15.53 -7.11 18.66
C PHE A 383 14.43 -6.46 19.49
N VAL A 384 13.41 -5.94 18.83
CA VAL A 384 12.32 -5.26 19.52
C VAL A 384 11.48 -6.29 20.28
N CYS A 385 11.42 -7.51 19.75
CA CYS A 385 10.70 -8.59 20.42
C CYS A 385 11.32 -8.93 21.77
N TYR A 386 12.64 -8.74 21.85
CA TYR A 386 13.39 -9.01 23.08
C TYR A 386 12.85 -8.15 24.22
N PHE A 387 12.35 -6.97 23.90
CA PHE A 387 11.88 -6.02 24.91
C PHE A 387 10.37 -6.06 25.10
N THR A 388 9.63 -6.14 24.00
CA THR A 388 8.17 -6.13 24.07
C THR A 388 7.65 -7.36 24.81
N SER A 389 8.30 -8.50 24.57
CA SER A 389 7.96 -9.73 25.27
C SER A 389 8.14 -9.56 26.78
N ARG A 390 9.14 -8.79 27.17
CA ARG A 390 9.48 -8.58 28.57
C ARG A 390 8.76 -7.36 29.15
N PHE A 391 8.41 -6.42 28.27
CA PHE A 391 7.79 -5.17 28.69
C PHE A 391 6.61 -4.84 27.76
N PRO A 392 5.50 -5.60 27.91
CA PRO A 392 4.33 -5.50 27.02
C PRO A 392 3.52 -4.20 27.08
N HIS A 393 3.40 -3.58 28.25
CA HIS A 393 2.60 -2.36 28.36
C HIS A 393 3.38 -1.15 27.85
N LEU A 394 4.62 -1.38 27.46
CA LEU A 394 5.53 -0.31 27.09
C LEU A 394 5.05 0.46 25.86
N LEU A 395 4.85 -0.25 24.75
CA LEU A 395 4.46 0.38 23.50
C LEU A 395 3.07 0.99 23.60
N ALA A 396 2.20 0.35 24.37
CA ALA A 396 0.85 0.85 24.58
C ALA A 396 0.91 2.13 25.40
N HIS A 397 1.71 2.08 26.47
CA HIS A 397 1.88 3.22 27.36
C HIS A 397 2.65 4.35 26.68
N THR A 398 3.67 3.98 25.92
CA THR A 398 4.49 4.96 25.20
C THR A 398 3.65 5.67 24.15
N TYR A 399 2.91 4.88 23.38
CA TYR A 399 2.09 5.40 22.29
C TYR A 399 1.06 6.42 22.77
N ARG A 400 0.39 6.13 23.88
CA ARG A 400 -0.63 7.04 24.41
C ARG A 400 0.02 8.20 25.15
N ALA A 401 1.20 7.99 25.70
CA ALA A 401 1.86 9.03 26.49
C ALA A 401 2.55 10.02 25.57
N MET A 402 2.93 9.56 24.39
CA MET A 402 3.53 10.44 23.39
C MET A 402 2.44 10.95 22.45
N GLU A 403 1.19 10.82 22.88
CA GLU A 403 0.05 11.27 22.10
C GLU A 403 0.01 12.80 22.04
N LEU A 404 0.80 13.44 22.90
CA LEU A 404 0.87 14.89 22.94
C LEU A 404 1.53 15.41 21.67
N CYS A 405 2.58 14.71 21.25
CA CYS A 405 3.37 15.13 20.10
C CYS A 405 2.83 14.56 18.80
N SER A 406 1.53 14.27 18.77
CA SER A 406 0.90 13.68 17.60
C SER A 406 0.94 14.62 16.42
N HIS A 407 0.75 15.91 16.68
CA HIS A 407 0.72 16.93 15.65
C HIS A 407 2.10 17.21 15.06
N GLU A 408 3.14 16.82 15.80
CA GLU A 408 4.51 16.99 15.32
C GLU A 408 4.74 16.09 14.12
N ARG A 409 5.47 16.59 13.12
CA ARG A 409 5.59 15.92 11.84
C ARG A 409 6.40 14.63 11.94
N LEU A 410 7.27 14.54 12.94
CA LEU A 410 8.04 13.32 13.15
C LEU A 410 7.15 12.22 13.72
N PHE A 411 6.01 12.62 14.28
CA PHE A 411 5.07 11.67 14.88
C PHE A 411 3.66 11.82 14.30
N GLN A 412 3.58 12.08 13.00
CA GLN A 412 2.30 12.05 12.29
C GLN A 412 1.96 10.65 11.78
N PRO A 413 2.90 9.96 11.10
CA PRO A 413 2.54 8.65 10.56
C PRO A 413 2.16 7.62 11.62
N TYR A 414 2.27 7.97 12.90
CA TYR A 414 1.89 7.07 13.98
C TYR A 414 0.48 7.38 14.51
N TYR A 415 -0.03 8.57 14.19
CA TYR A 415 -1.29 9.04 14.79
C TYR A 415 -2.32 9.54 13.76
N PHE A 416 -1.98 10.60 13.03
CA PHE A 416 -2.92 11.27 12.13
C PHE A 416 -4.12 11.80 12.92
N VAL B 17 -31.58 8.69 -27.60
CA VAL B 17 -31.10 7.73 -26.61
C VAL B 17 -31.16 6.31 -27.16
N VAL B 18 -30.02 5.81 -27.63
CA VAL B 18 -29.95 4.47 -28.20
C VAL B 18 -29.92 3.45 -27.06
N ILE B 19 -30.62 2.33 -27.25
CA ILE B 19 -30.67 1.28 -26.23
C ILE B 19 -30.44 -0.12 -26.79
N VAL B 20 -29.34 -0.74 -26.34
CA VAL B 20 -29.00 -2.10 -26.75
C VAL B 20 -28.79 -2.95 -25.49
N GLY B 21 -29.86 -3.54 -24.99
CA GLY B 21 -29.85 -4.29 -23.74
C GLY B 21 -29.88 -3.37 -22.54
N LYS B 22 -28.97 -3.57 -21.59
CA LYS B 22 -28.90 -2.72 -20.40
C LYS B 22 -27.92 -1.57 -20.61
N ILE B 23 -27.19 -1.61 -21.71
CA ILE B 23 -26.25 -0.54 -22.06
C ILE B 23 -26.95 0.41 -23.04
N SER B 24 -26.98 1.68 -22.66
CA SER B 24 -27.62 2.73 -23.45
C SER B 24 -26.68 3.91 -23.63
N PHE B 25 -26.65 4.49 -24.82
CA PHE B 25 -25.77 5.62 -25.10
C PHE B 25 -26.37 6.63 -26.06
N CYS B 26 -25.86 7.87 -25.99
CA CYS B 26 -26.31 8.97 -26.84
C CYS B 26 -25.22 9.34 -27.85
N PRO B 27 -25.51 9.19 -29.17
CA PRO B 27 -24.48 9.37 -30.20
C PRO B 27 -23.78 10.73 -30.24
N LYS B 28 -24.45 11.78 -29.78
CA LYS B 28 -23.86 13.12 -29.79
C LYS B 28 -22.58 13.17 -28.95
N ASP B 29 -22.60 12.46 -27.83
CA ASP B 29 -21.47 12.42 -26.91
C ASP B 29 -20.41 11.39 -27.31
N VAL B 30 -19.50 11.82 -28.18
CA VAL B 30 -18.42 10.97 -28.66
C VAL B 30 -17.15 11.26 -27.86
N LEU B 31 -16.49 10.22 -27.37
CA LEU B 31 -15.29 10.38 -26.55
C LEU B 31 -14.02 10.17 -27.35
N GLY B 32 -14.10 9.38 -28.42
CA GLY B 32 -12.95 9.08 -29.24
C GLY B 32 -13.31 8.22 -30.43
N HIS B 33 -12.39 8.14 -31.39
CA HIS B 33 -12.60 7.37 -32.61
C HIS B 33 -11.30 6.73 -33.09
N GLY B 37 -11.83 1.42 -37.47
CA GLY B 37 -13.16 1.98 -37.58
C GLY B 37 -13.96 1.83 -36.29
N THR B 38 -13.31 2.12 -35.17
CA THR B 38 -13.93 2.02 -33.85
C THR B 38 -14.25 3.41 -33.29
N ILE B 39 -15.51 3.61 -32.92
CA ILE B 39 -15.95 4.85 -32.29
C ILE B 39 -16.37 4.56 -30.85
N VAL B 40 -16.11 5.51 -29.96
CA VAL B 40 -16.40 5.34 -28.54
C VAL B 40 -17.37 6.40 -28.03
N TYR B 41 -18.45 5.94 -27.40
CA TYR B 41 -19.51 6.82 -26.92
C TYR B 41 -19.55 6.90 -25.39
N ARG B 42 -20.40 7.78 -24.88
CA ARG B 42 -20.64 7.90 -23.46
C ARG B 42 -22.00 7.31 -23.12
N GLY B 43 -22.02 6.11 -22.55
CA GLY B 43 -23.26 5.41 -22.29
C GLY B 43 -23.54 5.19 -20.82
N MET B 44 -24.44 4.26 -20.53
CA MET B 44 -24.85 3.95 -19.17
C MET B 44 -25.17 2.47 -19.02
N PHE B 45 -24.66 1.84 -17.96
CA PHE B 45 -24.94 0.44 -17.67
C PHE B 45 -25.46 0.26 -16.25
N ASP B 46 -26.73 -0.09 -16.13
CA ASP B 46 -27.33 -0.33 -14.82
C ASP B 46 -27.15 0.90 -13.94
N ASN B 47 -27.44 2.07 -14.49
CA ASN B 47 -27.28 3.34 -13.79
C ASN B 47 -25.82 3.60 -13.40
N ARG B 48 -24.90 3.00 -14.16
CA ARG B 48 -23.48 3.32 -14.03
C ARG B 48 -23.00 4.11 -15.23
N ASP B 49 -22.17 5.11 -14.99
CA ASP B 49 -21.56 5.87 -16.08
C ASP B 49 -20.44 5.07 -16.74
N VAL B 50 -20.57 4.80 -18.04
CA VAL B 50 -19.61 3.96 -18.75
C VAL B 50 -19.24 4.52 -20.12
N ALA B 51 -18.05 4.16 -20.58
CA ALA B 51 -17.59 4.47 -21.93
C ALA B 51 -17.87 3.28 -22.84
N VAL B 52 -18.63 3.53 -23.91
CA VAL B 52 -19.05 2.47 -24.82
C VAL B 52 -18.28 2.53 -26.13
N LYS B 53 -17.78 1.38 -26.58
CA LYS B 53 -17.09 1.27 -27.87
C LYS B 53 -17.84 0.35 -28.81
N ARG B 54 -18.21 0.88 -29.97
CA ARG B 54 -18.92 0.12 -30.99
C ARG B 54 -17.93 -0.51 -31.99
N ILE B 55 -18.11 -1.80 -32.27
CA ILE B 55 -17.23 -2.53 -33.17
C ILE B 55 -18.00 -3.28 -34.25
N LEU B 56 -17.38 -3.44 -35.41
CA LEU B 56 -17.97 -4.21 -36.50
C LEU B 56 -17.71 -5.70 -36.24
N PRO B 57 -18.41 -6.58 -36.99
CA PRO B 57 -18.19 -8.02 -36.83
C PRO B 57 -16.75 -8.44 -37.14
N GLU B 58 -16.03 -7.57 -37.83
CA GLU B 58 -14.64 -7.84 -38.21
C GLU B 58 -13.68 -7.84 -37.01
N CYS B 59 -14.10 -7.23 -35.91
CA CYS B 59 -13.23 -7.04 -34.75
C CYS B 59 -13.69 -7.85 -33.54
N PHE B 60 -14.57 -8.81 -33.77
CA PHE B 60 -15.07 -9.67 -32.69
C PHE B 60 -13.96 -10.55 -32.12
N SER B 61 -13.19 -11.16 -33.01
CA SER B 61 -12.14 -12.09 -32.61
C SER B 61 -11.14 -11.43 -31.65
N PHE B 62 -10.88 -10.14 -31.86
CA PHE B 62 -9.98 -9.40 -30.99
C PHE B 62 -10.68 -8.98 -29.71
N ALA B 63 -11.97 -8.67 -29.82
CA ALA B 63 -12.73 -8.16 -28.69
C ALA B 63 -12.97 -9.20 -27.61
N ASP B 64 -13.52 -10.36 -27.99
CA ASP B 64 -13.81 -11.42 -27.03
C ASP B 64 -12.53 -11.90 -26.37
N ARG B 65 -11.42 -11.74 -27.09
CA ARG B 65 -10.10 -12.08 -26.55
C ARG B 65 -9.70 -11.02 -25.55
N GLU B 66 -10.01 -9.77 -25.87
CA GLU B 66 -9.67 -8.64 -25.02
C GLU B 66 -10.49 -8.64 -23.73
N VAL B 67 -11.78 -8.89 -23.87
CA VAL B 67 -12.70 -8.86 -22.74
C VAL B 67 -12.33 -9.89 -21.68
N GLN B 68 -11.98 -11.10 -22.11
CA GLN B 68 -11.65 -12.17 -21.18
C GLN B 68 -10.46 -11.77 -20.31
N LEU B 69 -9.54 -11.01 -20.88
CA LEU B 69 -8.39 -10.54 -20.13
C LEU B 69 -8.84 -9.53 -19.07
N LEU B 70 -9.79 -8.68 -19.43
CA LEU B 70 -10.38 -7.75 -18.47
C LEU B 70 -11.12 -8.54 -17.40
N ARG B 71 -11.84 -9.58 -17.83
CA ARG B 71 -12.56 -10.45 -16.90
C ARG B 71 -11.59 -11.12 -15.94
N GLU B 72 -10.37 -11.36 -16.39
CA GLU B 72 -9.37 -12.07 -15.60
C GLU B 72 -8.54 -11.16 -14.71
N SER B 73 -8.65 -9.84 -14.89
CA SER B 73 -7.76 -8.91 -14.21
C SER B 73 -8.40 -7.57 -13.82
N ASP B 74 -9.72 -7.47 -13.89
CA ASP B 74 -10.40 -6.24 -13.51
C ASP B 74 -10.53 -6.13 -12.00
N GLU B 75 -10.19 -7.19 -11.29
CA GLU B 75 -10.28 -7.21 -9.82
C GLU B 75 -9.39 -6.13 -9.23
N HIS B 76 -8.29 -5.83 -9.91
CA HIS B 76 -7.30 -4.89 -9.39
C HIS B 76 -7.78 -3.46 -9.61
N PRO B 77 -7.45 -2.55 -8.67
CA PRO B 77 -7.89 -1.16 -8.81
C PRO B 77 -7.24 -0.46 -10.00
N ASN B 78 -5.99 -0.80 -10.27
CA ASN B 78 -5.21 -0.14 -11.30
C ASN B 78 -5.41 -0.79 -12.67
N VAL B 79 -6.44 -1.63 -12.76
CA VAL B 79 -6.88 -2.16 -14.04
C VAL B 79 -8.29 -1.68 -14.34
N ILE B 80 -8.52 -1.30 -15.59
CA ILE B 80 -9.81 -0.81 -16.02
C ILE B 80 -10.88 -1.85 -15.76
N ARG B 81 -12.05 -1.43 -15.29
CA ARG B 81 -13.12 -2.35 -14.95
C ARG B 81 -14.03 -2.59 -16.15
N TYR B 82 -14.10 -3.84 -16.59
CA TYR B 82 -15.02 -4.24 -17.64
C TYR B 82 -16.33 -4.69 -17.03
N PHE B 83 -17.44 -4.19 -17.56
CA PHE B 83 -18.75 -4.56 -17.05
C PHE B 83 -19.38 -5.63 -17.91
N CYS B 84 -19.81 -5.26 -19.11
CA CYS B 84 -20.49 -6.20 -20.01
C CYS B 84 -20.47 -5.74 -21.46
N THR B 85 -20.89 -6.63 -22.35
CA THR B 85 -21.08 -6.30 -23.76
C THR B 85 -22.41 -6.89 -24.25
N GLU B 86 -23.03 -6.22 -25.21
CA GLU B 86 -24.30 -6.65 -25.78
C GLU B 86 -24.14 -6.74 -27.28
N LYS B 87 -24.95 -7.58 -27.93
CA LYS B 87 -24.84 -7.80 -29.38
C LYS B 87 -26.06 -7.24 -30.11
N ASP B 88 -25.80 -6.65 -31.27
CA ASP B 88 -26.85 -6.05 -32.09
C ASP B 88 -26.98 -6.76 -33.44
N ARG B 89 -27.81 -6.24 -34.32
CA ARG B 89 -27.99 -6.80 -35.65
C ARG B 89 -26.70 -6.72 -36.45
N GLN B 90 -25.98 -5.61 -36.25
CA GLN B 90 -24.81 -5.28 -37.05
C GLN B 90 -23.54 -5.14 -36.20
N PHE B 91 -23.69 -4.60 -35.01
CA PHE B 91 -22.54 -4.23 -34.19
C PHE B 91 -22.46 -5.03 -32.89
N GLN B 92 -21.38 -4.79 -32.16
CA GLN B 92 -21.21 -5.30 -30.80
C GLN B 92 -20.77 -4.13 -29.92
N TYR B 93 -21.44 -3.96 -28.77
CA TYR B 93 -21.17 -2.85 -27.88
C TYR B 93 -20.48 -3.32 -26.60
N ILE B 94 -19.40 -2.65 -26.23
CA ILE B 94 -18.62 -3.01 -25.06
C ILE B 94 -18.60 -1.87 -24.04
N ALA B 95 -19.03 -2.19 -22.82
CA ALA B 95 -19.15 -1.19 -21.76
C ALA B 95 -17.88 -1.16 -20.91
N ILE B 96 -17.42 0.05 -20.64
CA ILE B 96 -16.20 0.26 -19.87
C ILE B 96 -16.38 1.38 -18.85
N GLU B 97 -15.73 1.24 -17.70
CA GLU B 97 -15.79 2.26 -16.66
C GLU B 97 -15.38 3.62 -17.21
N LEU B 98 -16.24 4.61 -17.02
CA LEU B 98 -15.96 5.96 -17.50
C LEU B 98 -14.81 6.58 -16.72
N CYS B 99 -13.84 7.13 -17.45
CA CYS B 99 -12.67 7.76 -16.85
C CYS B 99 -12.63 9.23 -17.22
N ALA B 100 -12.05 10.05 -16.35
CA ALA B 100 -12.05 11.49 -16.52
C ALA B 100 -11.26 11.89 -17.77
N ALA B 101 -10.10 11.27 -17.95
CA ALA B 101 -9.21 11.62 -19.04
C ALA B 101 -8.09 10.58 -19.14
N THR B 102 -7.27 10.70 -20.18
CA THR B 102 -6.10 9.84 -20.33
C THR B 102 -4.88 10.49 -19.71
N LEU B 103 -3.83 9.70 -19.52
CA LEU B 103 -2.55 10.24 -19.06
C LEU B 103 -2.01 11.22 -20.09
N GLN B 104 -2.41 11.02 -21.35
CA GLN B 104 -1.98 11.89 -22.44
C GLN B 104 -2.70 13.24 -22.35
N GLU B 105 -4.02 13.20 -22.21
CA GLU B 105 -4.80 14.41 -22.01
C GLU B 105 -4.42 15.08 -20.69
N TYR B 106 -3.90 14.28 -19.76
CA TYR B 106 -3.54 14.74 -18.43
C TYR B 106 -2.25 15.56 -18.44
N VAL B 107 -1.35 15.23 -19.37
CA VAL B 107 -0.08 15.92 -19.51
C VAL B 107 -0.22 17.18 -20.38
N GLU B 108 -1.12 17.12 -21.36
CA GLU B 108 -1.24 18.20 -22.33
C GLU B 108 -2.08 19.37 -21.86
N GLN B 109 -2.68 19.25 -20.67
CA GLN B 109 -3.66 20.24 -20.21
C GLN B 109 -3.55 20.60 -18.73
N LYS B 110 -3.06 19.68 -17.90
CA LYS B 110 -3.06 19.88 -16.45
C LYS B 110 -1.70 20.31 -15.90
N ASP B 111 -1.73 21.36 -15.07
CA ASP B 111 -0.53 21.90 -14.46
C ASP B 111 -0.13 21.06 -13.24
N PHE B 112 1.15 20.69 -13.18
CA PHE B 112 1.64 19.79 -12.14
C PHE B 112 2.09 20.51 -10.87
N ALA B 113 2.02 21.84 -10.87
CA ALA B 113 2.51 22.62 -9.74
C ALA B 113 1.58 22.55 -8.53
N HIS B 114 0.29 22.28 -8.76
CA HIS B 114 -0.69 22.23 -7.69
C HIS B 114 -1.23 20.82 -7.45
N LEU B 115 -0.43 19.81 -7.79
CA LEU B 115 -0.80 18.41 -7.60
C LEU B 115 0.29 17.69 -6.82
N GLY B 116 1.54 17.96 -7.20
CA GLY B 116 2.71 17.43 -6.53
C GLY B 116 2.99 15.96 -6.73
N LEU B 117 2.46 15.11 -5.84
CA LEU B 117 2.79 13.69 -5.85
C LEU B 117 1.78 12.87 -6.65
N GLU B 118 0.77 13.54 -7.19
CA GLU B 118 -0.29 12.83 -7.90
C GLU B 118 0.32 12.11 -9.10
N PRO B 119 1.13 12.81 -9.92
CA PRO B 119 1.72 12.17 -11.10
C PRO B 119 2.58 10.95 -10.76
N ILE B 120 3.37 11.05 -9.69
CA ILE B 120 4.24 9.95 -9.29
C ILE B 120 3.41 8.75 -8.85
N THR B 121 2.30 9.03 -8.20
CA THR B 121 1.40 7.98 -7.72
C THR B 121 0.80 7.23 -8.90
N LEU B 122 0.56 7.95 -10.00
CA LEU B 122 -0.06 7.35 -11.18
C LEU B 122 0.86 6.30 -11.80
N LEU B 123 2.16 6.40 -11.52
CA LEU B 123 3.13 5.47 -12.06
C LEU B 123 3.21 4.22 -11.18
N GLN B 124 3.09 4.41 -9.87
CA GLN B 124 3.05 3.29 -8.93
C GLN B 124 1.77 2.49 -9.18
N GLN B 125 0.67 3.21 -9.41
CA GLN B 125 -0.60 2.57 -9.73
C GLN B 125 -0.44 1.82 -11.05
N THR B 126 0.07 2.51 -12.05
CA THR B 126 0.28 1.93 -13.37
C THR B 126 1.21 0.73 -13.28
N THR B 127 2.27 0.86 -12.49
CA THR B 127 3.26 -0.21 -12.34
C THR B 127 2.68 -1.39 -11.56
N SER B 128 1.83 -1.10 -10.59
CA SER B 128 1.22 -2.14 -9.77
C SER B 128 0.20 -2.95 -10.57
N GLY B 129 -0.55 -2.27 -11.42
CA GLY B 129 -1.54 -2.92 -12.25
C GLY B 129 -0.88 -3.79 -13.29
N LEU B 130 0.27 -3.31 -13.78
CA LEU B 130 1.06 -4.06 -14.75
C LEU B 130 1.62 -5.33 -14.11
N ALA B 131 1.90 -5.26 -12.80
CA ALA B 131 2.39 -6.41 -12.07
C ALA B 131 1.26 -7.41 -11.86
N HIS B 132 0.04 -6.91 -11.70
CA HIS B 132 -1.12 -7.77 -11.51
C HIS B 132 -1.32 -8.65 -12.74
N LEU B 133 -0.99 -8.11 -13.92
CA LEU B 133 -1.07 -8.88 -15.16
C LEU B 133 0.08 -9.88 -15.22
N HIS B 134 1.26 -9.43 -14.85
CA HIS B 134 2.45 -10.27 -14.85
C HIS B 134 2.27 -11.43 -13.89
N SER B 135 1.44 -11.21 -12.86
CA SER B 135 1.13 -12.25 -11.91
C SER B 135 0.26 -13.32 -12.59
N LEU B 136 -0.35 -12.96 -13.71
CA LEU B 136 -1.18 -13.88 -14.48
C LEU B 136 -0.50 -14.30 -15.78
N ASN B 137 0.82 -14.14 -15.85
CA ASN B 137 1.60 -14.53 -17.02
C ASN B 137 1.17 -13.78 -18.28
N ILE B 138 0.77 -12.52 -18.11
CA ILE B 138 0.33 -11.67 -19.22
C ILE B 138 1.38 -10.62 -19.61
N VAL B 139 1.43 -10.32 -20.90
CA VAL B 139 2.30 -9.28 -21.43
C VAL B 139 1.48 -8.21 -22.14
N HIS B 140 1.55 -6.98 -21.66
CA HIS B 140 0.95 -5.85 -22.37
C HIS B 140 1.92 -5.40 -23.46
N ARG B 141 1.40 -5.06 -24.64
CA ARG B 141 2.24 -4.70 -25.78
C ARG B 141 1.97 -3.31 -26.36
N ASP B 142 0.72 -2.88 -26.36
CA ASP B 142 0.38 -1.56 -26.89
C ASP B 142 0.13 -0.58 -25.74
N LEU B 143 1.17 -0.35 -24.94
CA LEU B 143 1.10 0.55 -23.80
C LEU B 143 1.57 1.98 -24.11
N LYS B 144 0.65 2.93 -23.95
CA LYS B 144 0.95 4.34 -24.12
C LYS B 144 -0.06 5.14 -23.30
N PRO B 145 0.28 6.40 -22.97
CA PRO B 145 -0.58 7.25 -22.12
C PRO B 145 -2.05 7.27 -22.56
N HIS B 146 -2.32 7.01 -23.84
CA HIS B 146 -3.69 6.95 -24.33
C HIS B 146 -4.42 5.73 -23.78
N ASN B 147 -3.65 4.77 -23.26
CA ASN B 147 -4.23 3.58 -22.65
C ASN B 147 -4.38 3.75 -21.16
N ILE B 148 -3.52 4.55 -20.57
CA ILE B 148 -3.62 4.86 -19.15
C ILE B 148 -4.77 5.85 -18.96
N LEU B 149 -5.71 5.49 -18.10
CA LEU B 149 -6.93 6.27 -17.88
C LEU B 149 -7.01 6.83 -16.48
N ILE B 150 -7.55 8.03 -16.36
CA ILE B 150 -7.66 8.73 -15.09
C ILE B 150 -9.06 8.57 -14.52
N SER B 151 -9.14 7.98 -13.33
CA SER B 151 -10.41 7.73 -12.67
C SER B 151 -11.12 9.04 -12.36
N MET B 152 -12.42 8.95 -12.08
CA MET B 152 -13.17 10.14 -11.69
C MET B 152 -12.76 10.53 -10.28
N PRO B 153 -12.87 11.84 -9.95
CA PRO B 153 -12.50 12.29 -8.61
C PRO B 153 -13.34 11.64 -7.51
N ASN B 154 -12.68 11.18 -6.46
CA ASN B 154 -13.33 10.62 -5.29
C ASN B 154 -13.89 11.73 -4.42
N ALA B 155 -14.51 11.38 -3.28
CA ALA B 155 -15.06 12.39 -2.38
C ALA B 155 -13.96 13.30 -1.84
N HIS B 156 -12.80 12.71 -1.56
CA HIS B 156 -11.63 13.43 -1.09
C HIS B 156 -11.14 14.42 -2.16
N GLY B 157 -11.35 14.05 -3.42
CA GLY B 157 -10.89 14.79 -4.58
C GLY B 157 -9.75 14.12 -5.35
N LYS B 158 -9.31 12.97 -4.84
CA LYS B 158 -8.19 12.19 -5.40
C LYS B 158 -8.62 11.34 -6.59
N ILE B 159 -7.62 10.84 -7.31
CA ILE B 159 -7.81 10.06 -8.54
C ILE B 159 -6.91 8.84 -8.54
N LYS B 160 -7.05 8.00 -9.57
CA LYS B 160 -6.17 6.84 -9.74
C LYS B 160 -6.01 6.52 -11.22
N ALA B 161 -5.01 5.73 -11.55
CA ALA B 161 -4.71 5.37 -12.93
C ALA B 161 -5.17 3.94 -13.21
N MET B 162 -5.56 3.68 -14.45
CA MET B 162 -6.00 2.34 -14.86
C MET B 162 -5.59 2.04 -16.30
N ILE B 163 -5.16 0.79 -16.53
CA ILE B 163 -4.68 0.37 -17.83
C ILE B 163 -5.85 -0.05 -18.71
N SER B 164 -5.72 0.15 -20.02
CA SER B 164 -6.74 -0.29 -20.97
C SER B 164 -6.15 -0.84 -22.25
N ASP B 165 -7.03 -1.31 -23.13
CA ASP B 165 -6.66 -1.79 -24.46
C ASP B 165 -5.76 -3.01 -24.38
N PHE B 166 -6.38 -4.18 -24.23
CA PHE B 166 -5.67 -5.45 -24.18
C PHE B 166 -5.83 -6.21 -25.49
N GLY B 167 -6.04 -5.47 -26.58
CA GLY B 167 -6.16 -6.07 -27.89
C GLY B 167 -4.83 -6.69 -28.26
N LEU B 168 -3.78 -5.93 -27.96
CA LEU B 168 -2.42 -6.43 -28.09
C LEU B 168 -1.93 -6.88 -26.72
N CYS B 169 -2.27 -8.11 -26.36
CA CYS B 169 -1.83 -8.70 -25.10
C CYS B 169 -1.58 -10.20 -25.28
N LYS B 170 -0.41 -10.64 -24.84
CA LYS B 170 0.00 -12.03 -24.97
C LYS B 170 -0.18 -12.79 -23.67
N LYS B 171 -1.04 -13.80 -23.70
CA LYS B 171 -1.20 -14.70 -22.56
C LYS B 171 -0.18 -15.82 -22.67
N LEU B 172 0.97 -15.64 -22.02
CA LEU B 172 2.02 -16.67 -22.09
C LEU B 172 1.52 -17.96 -21.47
N ALA B 173 1.54 -19.01 -22.28
CA ALA B 173 0.98 -20.31 -21.94
C ALA B 173 1.25 -20.74 -20.51
N VAL B 174 2.51 -20.92 -20.16
CA VAL B 174 2.88 -21.47 -18.85
C VAL B 174 4.18 -20.89 -18.29
N GLY B 175 4.12 -20.53 -17.01
CA GLY B 175 5.31 -20.22 -16.23
C GLY B 175 6.28 -19.20 -16.79
N ARG B 176 7.15 -19.66 -17.68
CA ARG B 176 8.33 -18.89 -18.08
C ARG B 176 8.50 -18.93 -19.61
N HIS B 177 9.75 -18.94 -20.08
CA HIS B 177 10.07 -18.99 -21.51
C HIS B 177 9.60 -17.71 -22.23
N SEP B 178 9.74 -17.72 -23.56
CA SEP B 178 9.46 -16.55 -24.38
CB SEP B 178 10.76 -15.79 -24.65
OG SEP B 178 11.58 -16.46 -25.59
C SEP B 178 8.85 -17.02 -25.70
O SEP B 178 9.31 -17.98 -26.30
P SEP B 178 12.45 -17.63 -24.91
O1P SEP B 178 11.49 -18.82 -24.42
O2P SEP B 178 13.49 -18.23 -25.99
O3P SEP B 178 13.29 -17.07 -23.66
HA SEP B 178 8.83 -15.95 -23.92
HB2 SEP B 178 11.25 -15.69 -23.82
HB3 SEP B 178 10.54 -14.91 -25.00
N PHE B 179 7.80 -16.31 -26.15
CA PHE B 179 7.03 -16.75 -27.31
C PHE B 179 6.69 -15.62 -28.28
N SEP B 180 6.79 -15.92 -29.57
CA SEP B 180 6.56 -14.99 -30.69
CB SEP B 180 5.28 -14.17 -30.50
OG SEP B 180 5.05 -13.35 -31.64
C SEP B 180 7.76 -14.08 -30.95
O SEP B 180 8.81 -14.23 -30.32
P SEP B 180 3.58 -13.59 -32.26
O1P SEP B 180 3.48 -15.11 -32.79
O2P SEP B 180 2.47 -13.34 -31.13
O3P SEP B 180 3.35 -12.57 -33.48
HA SEP B 180 6.43 -15.53 -31.50
HB2 SEP B 180 5.37 -13.60 -29.72
HB3 SEP B 180 4.53 -14.77 -30.39
N ARG B 181 7.58 -13.14 -31.87
CA ARG B 181 8.64 -12.23 -32.30
C ARG B 181 9.92 -12.99 -32.67
N PRO B 186 2.36 -4.84 -31.92
CA PRO B 186 3.00 -4.21 -33.09
C PRO B 186 2.31 -2.91 -33.52
N GLY B 187 1.18 -2.60 -32.88
CA GLY B 187 0.43 -1.40 -33.20
C GLY B 187 1.10 -0.16 -32.66
N THR B 188 0.85 0.97 -33.30
CA THR B 188 1.45 2.26 -32.93
C THR B 188 2.96 2.22 -33.10
N GLU B 189 3.60 3.36 -32.87
CA GLU B 189 5.04 3.49 -33.08
C GLU B 189 5.68 4.53 -32.16
N GLY B 190 6.86 4.20 -31.64
CA GLY B 190 7.64 5.08 -30.81
C GLY B 190 7.65 4.63 -29.37
N TRP B 191 6.64 3.85 -28.99
CA TRP B 191 6.53 3.28 -27.67
C TRP B 191 6.90 1.79 -27.67
N ILE B 192 7.30 1.29 -28.83
CA ILE B 192 7.59 -0.13 -29.01
C ILE B 192 9.01 -0.55 -28.64
N ALA B 193 9.15 -1.78 -28.16
CA ALA B 193 10.45 -2.34 -27.82
C ALA B 193 11.18 -2.87 -29.06
N PRO B 194 12.52 -2.83 -29.03
CA PRO B 194 13.37 -3.31 -30.14
C PRO B 194 13.30 -4.83 -30.35
N GLU B 195 12.97 -5.57 -29.30
CA GLU B 195 12.97 -7.03 -29.37
C GLU B 195 11.88 -7.53 -30.32
N MET B 196 10.94 -6.65 -30.66
CA MET B 196 9.91 -6.95 -31.63
C MET B 196 10.27 -6.37 -32.99
N LEU B 197 11.33 -5.58 -33.01
CA LEU B 197 11.78 -4.88 -34.22
C LEU B 197 13.16 -5.38 -34.65
N GLU B 203 14.49 -13.06 -31.43
CA GLU B 203 13.14 -13.28 -30.92
C GLU B 203 13.14 -13.41 -29.39
N ASN B 204 12.98 -12.27 -28.71
CA ASN B 204 13.02 -12.23 -27.25
C ASN B 204 11.91 -11.38 -26.64
N PRO B 205 10.67 -11.91 -26.62
CA PRO B 205 9.54 -11.19 -26.01
C PRO B 205 9.20 -11.70 -24.62
N THR B 206 9.09 -10.78 -23.66
CA THR B 206 8.83 -11.13 -22.27
C THR B 206 8.04 -10.03 -21.54
N TYR B 207 7.98 -10.16 -20.22
CA TYR B 207 7.34 -9.18 -19.36
C TYR B 207 8.08 -7.85 -19.47
N THR B 208 9.39 -7.95 -19.68
CA THR B 208 10.27 -6.79 -19.68
C THR B 208 9.99 -5.84 -20.85
N VAL B 209 9.21 -6.30 -21.82
CA VAL B 209 8.81 -5.45 -22.94
C VAL B 209 7.96 -4.30 -22.43
N ASP B 210 7.05 -4.62 -21.50
CA ASP B 210 6.15 -3.63 -20.94
C ASP B 210 6.92 -2.59 -20.15
N ILE B 211 8.08 -2.99 -19.63
CA ILE B 211 8.94 -2.09 -18.87
C ILE B 211 9.53 -1.01 -19.76
N PHE B 212 9.87 -1.39 -20.99
CA PHE B 212 10.45 -0.43 -21.93
C PHE B 212 9.43 0.64 -22.28
N SER B 213 8.25 0.22 -22.70
CA SER B 213 7.18 1.16 -23.01
C SER B 213 6.84 1.99 -21.79
N ALA B 214 6.76 1.33 -20.64
CA ALA B 214 6.38 1.99 -19.40
C ALA B 214 7.45 2.99 -18.96
N GLY B 215 8.71 2.60 -19.11
CA GLY B 215 9.83 3.45 -18.73
C GLY B 215 9.85 4.75 -19.54
N CYS B 216 9.35 4.70 -20.76
CA CYS B 216 9.26 5.88 -21.62
C CYS B 216 8.12 6.80 -21.19
N VAL B 217 7.08 6.23 -20.60
CA VAL B 217 5.94 7.01 -20.14
C VAL B 217 6.35 7.89 -18.96
N PHE B 218 7.29 7.41 -18.16
CA PHE B 218 7.77 8.18 -17.02
C PHE B 218 8.34 9.52 -17.49
N TYR B 219 9.26 9.45 -18.44
CA TYR B 219 9.89 10.64 -19.01
C TYR B 219 8.82 11.57 -19.60
N TYR B 220 7.76 10.96 -20.13
CA TYR B 220 6.63 11.71 -20.68
C TYR B 220 5.91 12.45 -19.55
N VAL B 221 5.76 11.76 -18.41
CA VAL B 221 5.12 12.34 -17.23
C VAL B 221 6.04 13.34 -16.52
N ILE B 222 7.32 12.99 -16.37
CA ILE B 222 8.26 13.89 -15.71
C ILE B 222 8.37 15.17 -16.52
N SER B 223 8.47 15.02 -17.83
CA SER B 223 8.59 16.17 -18.72
C SER B 223 7.19 16.72 -19.02
N GLU B 224 7.14 17.65 -19.96
CA GLU B 224 5.88 18.26 -20.36
C GLU B 224 5.33 17.58 -21.60
N GLY B 225 5.84 16.38 -21.89
CA GLY B 225 5.38 15.62 -23.04
C GLY B 225 6.51 14.92 -23.78
N SER B 226 7.75 15.16 -23.34
CA SER B 226 8.92 14.69 -24.07
C SER B 226 9.11 13.18 -23.97
N HIS B 227 10.03 12.67 -24.79
CA HIS B 227 10.24 11.23 -24.93
C HIS B 227 11.74 10.93 -25.03
N PRO B 228 12.22 9.89 -24.31
CA PRO B 228 13.66 9.59 -24.28
C PRO B 228 14.30 9.37 -25.64
N PHE B 229 13.52 8.87 -26.60
CA PHE B 229 14.04 8.48 -27.91
C PHE B 229 13.69 9.50 -28.98
N GLY B 230 13.50 10.75 -28.57
CA GLY B 230 13.25 11.83 -29.51
C GLY B 230 11.79 11.99 -29.85
N LYS B 231 11.52 12.82 -30.86
CA LYS B 231 10.15 13.12 -31.27
C LYS B 231 9.64 12.09 -32.26
N SER B 232 8.35 12.18 -32.60
CA SER B 232 7.71 11.26 -33.52
C SER B 232 8.41 11.22 -34.88
N LEU B 233 8.19 10.12 -35.60
CA LEU B 233 8.77 9.88 -36.93
C LEU B 233 10.27 9.58 -36.88
N GLN B 234 10.84 9.59 -35.67
CA GLN B 234 12.21 9.15 -35.46
C GLN B 234 12.39 8.39 -34.15
N ARG B 235 11.31 8.30 -33.37
CA ARG B 235 11.32 7.51 -32.14
C ARG B 235 11.57 6.05 -32.48
N GLN B 236 10.94 5.61 -33.57
CA GLN B 236 11.01 4.22 -33.98
C GLN B 236 12.43 3.83 -34.37
N ALA B 237 13.04 4.67 -35.19
CA ALA B 237 14.36 4.40 -35.74
C ALA B 237 15.46 4.46 -34.67
N ASN B 238 15.42 5.51 -33.86
CA ASN B 238 16.45 5.73 -32.86
C ASN B 238 16.46 4.65 -31.78
N ILE B 239 15.32 3.99 -31.58
CA ILE B 239 15.23 2.88 -30.65
C ILE B 239 16.10 1.74 -31.16
N LEU B 240 15.99 1.45 -32.45
CA LEU B 240 16.79 0.42 -33.09
C LEU B 240 18.26 0.77 -32.94
N LEU B 241 18.53 2.06 -33.10
CA LEU B 241 19.89 2.60 -33.07
C LEU B 241 20.42 2.64 -31.64
N GLY B 242 19.55 2.97 -30.70
CA GLY B 242 19.92 3.07 -29.30
C GLY B 242 20.11 4.51 -28.82
N ALA B 243 19.70 5.47 -29.63
CA ALA B 243 19.87 6.87 -29.28
C ALA B 243 18.84 7.29 -28.24
N CYS B 244 19.30 7.49 -27.01
CA CYS B 244 18.46 8.00 -25.94
C CYS B 244 19.00 9.34 -25.48
N SER B 245 18.11 10.20 -24.97
CA SER B 245 18.51 11.50 -24.45
C SER B 245 17.62 11.90 -23.28
N LEU B 246 18.21 11.88 -22.09
CA LEU B 246 17.51 12.25 -20.87
C LEU B 246 17.98 13.63 -20.41
N ASP B 247 18.05 14.56 -21.36
CA ASP B 247 18.56 15.89 -21.09
C ASP B 247 17.54 16.76 -20.36
N CYS B 248 16.36 16.20 -20.13
CA CYS B 248 15.40 16.83 -19.23
C CYS B 248 15.74 16.47 -17.79
N LEU B 249 16.70 15.56 -17.63
CA LEU B 249 17.17 15.14 -16.32
C LEU B 249 18.68 15.41 -16.19
N HIS B 250 19.04 16.49 -15.50
CA HIS B 250 20.46 16.83 -15.33
C HIS B 250 20.96 16.41 -13.95
N PRO B 251 22.26 16.04 -13.85
CA PRO B 251 22.78 15.65 -12.54
C PRO B 251 23.00 16.81 -11.58
N GLU B 252 22.50 17.99 -11.93
CA GLU B 252 22.57 19.15 -11.05
C GLU B 252 21.36 19.19 -10.10
N LYS B 253 20.51 18.16 -10.21
CA LYS B 253 19.37 18.00 -9.32
C LYS B 253 19.22 16.57 -8.83
N HIS B 254 18.67 16.41 -7.64
CA HIS B 254 18.54 15.11 -7.00
C HIS B 254 17.54 14.19 -7.67
N GLU B 255 16.33 14.68 -7.90
CA GLU B 255 15.26 13.86 -8.46
C GLU B 255 15.65 13.32 -9.83
N ASP B 256 16.24 14.18 -10.64
CA ASP B 256 16.59 13.84 -12.02
C ASP B 256 17.50 12.62 -12.07
N VAL B 257 18.48 12.57 -11.19
CA VAL B 257 19.43 11.46 -11.16
C VAL B 257 18.75 10.15 -10.74
N ILE B 258 18.01 10.20 -9.64
CA ILE B 258 17.32 9.03 -9.14
C ILE B 258 16.31 8.55 -10.17
N ALA B 259 15.77 9.50 -10.94
CA ALA B 259 14.85 9.18 -12.02
C ALA B 259 15.60 8.68 -13.24
N ARG B 260 16.77 9.27 -13.50
CA ARG B 260 17.56 8.91 -14.67
C ARG B 260 18.07 7.48 -14.51
N GLU B 261 18.67 7.21 -13.35
CA GLU B 261 19.25 5.91 -13.07
C GLU B 261 18.23 4.80 -13.21
N LEU B 262 17.02 5.04 -12.72
CA LEU B 262 15.94 4.07 -12.82
C LEU B 262 15.54 3.87 -14.27
N ILE B 263 15.25 4.97 -14.95
CA ILE B 263 14.76 4.93 -16.31
C ILE B 263 15.83 4.38 -17.25
N GLU B 264 17.08 4.76 -17.00
CA GLU B 264 18.21 4.22 -17.77
C GLU B 264 18.18 2.70 -17.77
N LYS B 265 17.90 2.12 -16.61
CA LYS B 265 17.77 0.67 -16.50
C LYS B 265 16.51 0.17 -17.18
N MET B 266 15.43 0.96 -17.13
CA MET B 266 14.14 0.52 -17.66
C MET B 266 14.13 0.51 -19.18
N ILE B 267 14.63 1.58 -19.78
CA ILE B 267 14.62 1.70 -21.24
C ILE B 267 15.84 1.05 -21.88
N ALA B 268 16.61 0.31 -21.10
CA ALA B 268 17.85 -0.26 -21.60
C ALA B 268 17.55 -1.17 -22.78
N MET B 269 18.37 -1.06 -23.83
CA MET B 269 18.26 -1.94 -24.98
C MET B 269 18.44 -3.38 -24.52
N ASP B 270 19.45 -3.62 -23.70
CA ASP B 270 19.70 -4.94 -23.12
C ASP B 270 18.52 -5.34 -22.25
N PRO B 271 17.68 -6.28 -22.72
CA PRO B 271 16.42 -6.57 -22.00
C PRO B 271 16.60 -7.10 -20.58
N GLN B 272 17.68 -7.84 -20.33
CA GLN B 272 17.90 -8.44 -19.01
C GLN B 272 18.36 -7.40 -17.99
N LYS B 273 18.68 -6.21 -18.47
CA LYS B 273 19.12 -5.12 -17.59
C LYS B 273 17.93 -4.26 -17.18
N ARG B 274 16.72 -4.77 -17.38
CA ARG B 274 15.51 -4.01 -17.10
C ARG B 274 14.83 -4.48 -15.80
N PRO B 275 14.45 -3.52 -14.93
CA PRO B 275 13.81 -3.90 -13.66
C PRO B 275 12.50 -4.64 -13.87
N SER B 276 12.20 -5.59 -12.97
CA SER B 276 10.90 -6.23 -12.96
C SER B 276 9.84 -5.21 -12.56
N ALA B 277 8.58 -5.59 -12.69
CA ALA B 277 7.49 -4.67 -12.38
C ALA B 277 7.50 -4.32 -10.89
N LYS B 278 7.74 -5.33 -10.05
CA LYS B 278 7.68 -5.15 -8.60
C LYS B 278 8.90 -4.45 -7.99
N HIS B 279 10.06 -4.54 -8.66
CA HIS B 279 11.26 -3.88 -8.17
C HIS B 279 11.09 -2.37 -8.23
N VAL B 280 10.55 -1.90 -9.35
CA VAL B 280 10.34 -0.48 -9.59
C VAL B 280 9.52 0.13 -8.46
N LEU B 281 8.64 -0.67 -7.87
CA LEU B 281 7.77 -0.19 -6.81
C LEU B 281 8.59 0.09 -5.55
N LYS B 282 9.74 -0.57 -5.46
CA LYS B 282 10.65 -0.40 -4.33
C LYS B 282 11.86 0.49 -4.66
N HIS B 283 11.76 1.26 -5.74
CA HIS B 283 12.85 2.15 -6.13
C HIS B 283 12.76 3.48 -5.39
N PRO B 284 13.92 4.13 -5.13
CA PRO B 284 13.92 5.45 -4.49
C PRO B 284 13.06 6.52 -5.18
N PHE B 285 12.65 6.25 -6.41
CA PHE B 285 11.83 7.18 -7.16
C PHE B 285 10.48 7.39 -6.47
N PHE B 286 10.04 6.37 -5.72
CA PHE B 286 8.76 6.42 -5.02
C PHE B 286 8.92 6.58 -3.51
N TRP B 287 10.16 6.67 -3.04
CA TRP B 287 10.43 6.81 -1.62
C TRP B 287 10.03 8.19 -1.11
N SER B 288 9.68 8.26 0.18
CA SER B 288 9.45 9.54 0.84
C SER B 288 10.76 10.00 1.46
N LEU B 289 10.80 11.26 1.86
CA LEU B 289 12.01 11.83 2.44
C LEU B 289 12.32 11.17 3.78
N GLU B 290 11.29 10.60 4.40
CA GLU B 290 11.46 9.86 5.64
C GLU B 290 12.24 8.56 5.37
N LYS B 291 11.98 7.95 4.22
CA LYS B 291 12.59 6.67 3.88
C LYS B 291 14.00 6.88 3.33
N GLN B 292 14.19 7.98 2.61
CA GLN B 292 15.52 8.36 2.14
C GLN B 292 16.42 8.49 3.37
N LEU B 293 15.89 9.14 4.39
CA LEU B 293 16.61 9.41 5.63
C LEU B 293 16.78 8.16 6.48
N GLN B 294 15.68 7.43 6.67
CA GLN B 294 15.68 6.26 7.52
C GLN B 294 16.58 5.18 6.92
N PHE B 295 16.78 5.27 5.61
CA PHE B 295 17.71 4.40 4.90
C PHE B 295 19.15 4.75 5.25
N PHE B 296 19.48 6.04 5.22
CA PHE B 296 20.82 6.52 5.55
C PHE B 296 21.26 6.12 6.96
N GLN B 297 20.33 6.12 7.91
CA GLN B 297 20.66 5.78 9.28
C GLN B 297 21.05 4.32 9.36
N ASP B 298 20.29 3.48 8.67
CA ASP B 298 20.55 2.04 8.64
C ASP B 298 21.90 1.76 7.99
N VAL B 299 22.25 2.52 6.97
CA VAL B 299 23.52 2.36 6.28
C VAL B 299 24.71 2.80 7.14
N SER B 300 24.58 3.95 7.78
CA SER B 300 25.69 4.50 8.57
C SER B 300 25.97 3.63 9.78
N ASP B 301 24.92 3.18 10.44
CA ASP B 301 25.05 2.33 11.61
C ASP B 301 25.61 0.96 11.22
N ARG B 302 25.42 0.59 9.96
CA ARG B 302 25.83 -0.71 9.47
C ARG B 302 27.35 -0.77 9.26
N ILE B 303 27.93 0.38 8.93
CA ILE B 303 29.36 0.49 8.63
C ILE B 303 30.13 1.06 9.81
N GLU B 304 29.58 0.90 11.01
CA GLU B 304 30.14 1.53 12.21
C GLU B 304 31.46 0.88 12.64
N LYS B 305 31.55 -0.43 12.46
CA LYS B 305 32.73 -1.20 12.86
C LYS B 305 33.59 -1.58 11.65
N GLU B 306 33.12 -1.24 10.46
CA GLU B 306 33.77 -1.62 9.22
C GLU B 306 35.18 -1.08 9.06
N SER B 307 36.08 -1.92 8.56
CA SER B 307 37.46 -1.54 8.31
C SER B 307 37.53 -0.68 7.06
N LEU B 308 38.56 0.16 6.96
CA LEU B 308 38.70 1.06 5.81
C LEU B 308 38.90 0.27 4.52
N ASP B 309 39.42 -0.94 4.64
CA ASP B 309 39.58 -1.85 3.51
C ASP B 309 38.36 -2.76 3.38
N GLY B 310 37.26 -2.38 4.03
CA GLY B 310 36.08 -3.24 4.05
C GLY B 310 35.40 -3.31 2.69
N PRO B 311 34.85 -4.48 2.33
CA PRO B 311 34.26 -4.72 1.02
C PRO B 311 33.11 -3.77 0.69
N ILE B 312 32.39 -3.35 1.71
CA ILE B 312 31.21 -2.52 1.53
C ILE B 312 31.64 -1.10 1.16
N VAL B 313 32.58 -0.55 1.94
CA VAL B 313 33.03 0.82 1.73
C VAL B 313 33.83 0.97 0.44
N LYS B 314 34.59 -0.06 0.07
CA LYS B 314 35.36 -0.03 -1.17
C LYS B 314 34.44 0.23 -2.36
N GLN B 315 33.29 -0.46 -2.37
CA GLN B 315 32.26 -0.20 -3.36
C GLN B 315 31.66 1.19 -3.20
N LEU B 316 31.62 1.67 -1.96
CA LEU B 316 30.95 2.92 -1.65
C LEU B 316 31.81 4.16 -1.92
N GLU B 317 33.10 4.10 -1.58
CA GLU B 317 34.00 5.22 -1.81
C GLU B 317 34.51 5.20 -3.25
N ARG B 318 34.20 4.12 -3.95
CA ARG B 318 34.50 4.00 -5.36
C ARG B 318 33.70 5.01 -6.17
N GLY B 319 34.38 6.06 -6.63
CA GLY B 319 33.72 7.13 -7.34
C GLY B 319 33.03 8.08 -6.38
N GLY B 320 33.51 8.11 -5.14
CA GLY B 320 32.90 8.92 -4.10
C GLY B 320 33.29 10.38 -4.19
N ARG B 321 34.52 10.64 -4.63
CA ARG B 321 35.04 11.99 -4.71
C ARG B 321 34.15 12.90 -5.55
N ALA B 322 33.62 12.35 -6.64
CA ALA B 322 32.71 13.10 -7.51
C ALA B 322 31.34 13.26 -6.87
N VAL B 323 30.96 12.30 -6.03
CA VAL B 323 29.66 12.32 -5.37
C VAL B 323 29.58 13.38 -4.28
N VAL B 324 30.66 13.52 -3.52
CA VAL B 324 30.71 14.47 -2.41
C VAL B 324 31.31 15.80 -2.86
N LYS B 325 31.48 15.95 -4.17
CA LYS B 325 32.09 17.14 -4.75
C LYS B 325 33.48 17.32 -4.16
N MET B 326 34.19 16.21 -4.04
CA MET B 326 35.58 16.16 -3.62
C MET B 326 35.69 16.44 -2.11
N ASP B 327 35.16 17.56 -1.67
CA ASP B 327 35.19 17.94 -0.26
C ASP B 327 33.85 18.54 0.16
N TRP B 328 33.02 17.75 0.82
CA TRP B 328 31.66 18.15 1.17
C TRP B 328 31.58 19.17 2.29
N ARG B 329 32.65 19.32 3.07
CA ARG B 329 32.65 20.29 4.16
C ARG B 329 32.59 21.70 3.59
N GLU B 330 33.01 21.86 2.33
CA GLU B 330 33.04 23.16 1.68
C GLU B 330 31.72 23.50 1.01
N ASN B 331 30.97 22.47 0.62
CA ASN B 331 29.74 22.65 -0.14
C ASN B 331 28.52 22.96 0.72
N ILE B 332 28.67 22.85 2.03
CA ILE B 332 27.55 23.00 2.95
C ILE B 332 27.55 24.35 3.68
N THR B 333 26.51 24.60 4.45
CA THR B 333 26.33 25.89 5.11
C THR B 333 27.40 26.17 6.16
N VAL B 334 27.59 27.45 6.46
CA VAL B 334 28.67 27.88 7.35
C VAL B 334 28.50 27.35 8.78
N PRO B 335 27.30 27.53 9.38
CA PRO B 335 27.09 27.11 10.77
C PRO B 335 27.39 25.64 10.98
N LEU B 336 27.01 24.82 10.02
CA LEU B 336 27.25 23.38 10.11
C LEU B 336 28.74 23.10 10.06
N GLN B 337 29.44 23.73 9.11
CA GLN B 337 30.89 23.58 9.00
C GLN B 337 31.60 23.91 10.31
N THR B 338 31.03 24.84 11.06
CA THR B 338 31.59 25.24 12.34
C THR B 338 31.02 24.39 13.47
N ASP B 339 29.97 23.64 13.16
CA ASP B 339 29.31 22.76 14.13
C ASP B 339 29.77 21.31 13.97
N LEU B 340 30.72 21.08 13.06
CA LEU B 340 31.27 19.75 12.87
C LEU B 340 32.43 19.55 13.83
N ARG B 341 32.09 19.03 15.01
CA ARG B 341 33.07 18.76 16.05
C ARG B 341 34.24 17.97 15.51
N LYS B 342 35.45 18.41 15.85
CA LYS B 342 36.67 17.86 15.27
C LYS B 342 36.97 16.44 15.78
N PHE B 343 36.39 16.06 16.91
CA PHE B 343 36.73 14.79 17.53
C PHE B 343 36.24 13.60 16.70
N ARG B 344 35.17 13.81 15.94
CA ARG B 344 34.63 12.75 15.11
C ARG B 344 35.62 12.35 14.01
N THR B 345 36.48 13.31 13.64
CA THR B 345 37.50 13.07 12.62
C THR B 345 36.84 12.78 11.27
N TYR B 346 36.38 13.85 10.61
CA TYR B 346 35.67 13.74 9.34
C TYR B 346 36.56 14.06 8.14
N LYS B 347 36.75 13.09 7.26
CA LYS B 347 37.51 13.30 6.04
C LYS B 347 36.58 13.83 4.95
N GLY B 348 37.09 14.76 4.14
CA GLY B 348 36.30 15.39 3.09
C GLY B 348 35.92 14.46 1.95
N GLY B 349 36.89 13.71 1.45
CA GLY B 349 36.63 12.80 0.33
C GLY B 349 35.99 11.49 0.76
N SER B 350 35.54 11.43 2.01
CA SER B 350 34.95 10.21 2.55
C SER B 350 33.43 10.36 2.65
N VAL B 351 32.72 9.49 1.93
CA VAL B 351 31.26 9.44 1.97
C VAL B 351 30.73 8.93 3.31
N ARG B 352 31.36 7.89 3.84
CA ARG B 352 30.88 7.26 5.06
C ARG B 352 30.84 8.23 6.23
N ASP B 353 31.86 9.09 6.31
CA ASP B 353 31.91 10.08 7.39
C ASP B 353 30.83 11.13 7.19
N LEU B 354 30.52 11.43 5.93
CA LEU B 354 29.43 12.34 5.60
C LEU B 354 28.10 11.74 6.04
N LEU B 355 27.89 10.47 5.72
CA LEU B 355 26.68 9.78 6.16
C LEU B 355 26.67 9.69 7.67
N ARG B 356 27.86 9.58 8.26
CA ARG B 356 28.02 9.56 9.70
C ARG B 356 27.58 10.89 10.29
N ALA B 357 27.92 11.98 9.60
CA ALA B 357 27.52 13.31 10.03
C ALA B 357 25.99 13.42 10.06
N MET B 358 25.35 12.93 9.00
CA MET B 358 23.90 13.00 8.90
C MET B 358 23.28 12.13 9.97
N ARG B 359 23.90 10.98 10.21
CA ARG B 359 23.46 10.06 11.24
C ARG B 359 23.64 10.68 12.63
N ASN B 360 24.83 11.22 12.86
CA ASN B 360 25.15 11.80 14.16
C ASN B 360 24.41 13.12 14.37
N LYS B 361 24.15 13.83 13.27
CA LYS B 361 23.39 15.07 13.34
C LYS B 361 21.91 14.78 13.57
N LYS B 362 21.44 13.66 13.03
CA LYS B 362 20.05 13.26 13.20
C LYS B 362 19.79 12.79 14.65
N HIS B 363 20.69 11.98 15.18
CA HIS B 363 20.55 11.48 16.54
C HIS B 363 20.41 12.60 17.55
N HIS B 364 21.24 13.62 17.41
CA HIS B 364 21.36 14.67 18.41
C HIS B 364 20.78 16.01 17.93
N TYR B 365 19.76 15.93 17.08
CA TYR B 365 19.14 17.14 16.53
C TYR B 365 18.59 18.01 17.66
N ARG B 366 18.01 17.37 18.66
CA ARG B 366 17.44 18.08 19.80
C ARG B 366 18.52 18.59 20.75
N GLU B 367 19.73 18.04 20.63
CA GLU B 367 20.83 18.45 21.49
C GLU B 367 21.66 19.57 20.84
N LEU B 368 21.41 19.81 19.55
CA LEU B 368 22.13 20.83 18.81
C LEU B 368 21.56 22.22 19.08
N PRO B 369 22.39 23.26 18.88
CA PRO B 369 21.91 24.65 19.03
C PRO B 369 20.82 25.00 18.03
N ALA B 370 20.02 26.00 18.34
CA ALA B 370 18.95 26.45 17.47
C ALA B 370 19.50 27.08 16.19
N GLU B 371 20.77 27.45 16.21
CA GLU B 371 21.41 28.11 15.07
C GLU B 371 21.57 27.16 13.88
N VAL B 372 21.91 25.90 14.15
CA VAL B 372 22.14 24.92 13.10
C VAL B 372 20.82 24.33 12.62
N ARG B 373 19.93 24.05 13.56
CA ARG B 373 18.62 23.47 13.25
C ARG B 373 17.86 24.30 12.22
N GLU B 374 18.15 25.59 12.17
CA GLU B 374 17.49 26.48 11.23
C GLU B 374 17.94 26.21 9.78
N THR B 375 19.25 26.06 9.58
CA THR B 375 19.78 25.82 8.24
C THR B 375 19.65 24.35 7.85
N LEU B 376 19.90 23.47 8.82
CA LEU B 376 19.81 22.04 8.58
C LEU B 376 18.38 21.67 8.21
N GLY B 377 17.43 22.39 8.79
CA GLY B 377 16.01 22.20 8.50
C GLY B 377 15.34 21.32 9.53
N SER B 378 14.03 21.48 9.68
CA SER B 378 13.27 20.66 10.61
C SER B 378 13.28 19.21 10.14
N LEU B 379 13.20 18.27 11.08
CA LEU B 379 13.25 16.86 10.77
C LEU B 379 11.90 16.32 10.31
N PRO B 380 11.90 15.34 9.38
CA PRO B 380 13.01 14.78 8.62
C PRO B 380 13.08 15.26 7.17
N ASP B 381 12.07 15.98 6.71
CA ASP B 381 11.94 16.33 5.30
C ASP B 381 13.04 17.28 4.84
N ASP B 382 13.04 18.51 5.35
CA ASP B 382 14.02 19.51 4.95
C ASP B 382 15.44 19.07 5.31
N PHE B 383 15.56 18.17 6.28
CA PHE B 383 16.87 17.69 6.72
C PHE B 383 17.62 16.92 5.64
N VAL B 384 17.02 15.86 5.14
CA VAL B 384 17.68 15.05 4.12
C VAL B 384 17.76 15.84 2.81
N CYS B 385 16.78 16.70 2.59
CA CYS B 385 16.76 17.56 1.40
C CYS B 385 17.94 18.52 1.40
N TYR B 386 18.38 18.91 2.59
CA TYR B 386 19.51 19.81 2.77
C TYR B 386 20.78 19.24 2.13
N PHE B 387 20.86 17.92 2.06
CA PHE B 387 22.04 17.25 1.53
C PHE B 387 21.86 16.85 0.07
N THR B 388 20.67 16.37 -0.27
CA THR B 388 20.39 15.92 -1.62
C THR B 388 20.48 17.07 -2.62
N SER B 389 20.02 18.25 -2.23
CA SER B 389 20.14 19.45 -3.06
C SER B 389 21.60 19.70 -3.37
N ARG B 390 22.45 19.40 -2.39
CA ARG B 390 23.89 19.57 -2.52
C ARG B 390 24.58 18.30 -3.02
N PHE B 391 23.94 17.15 -2.78
CA PHE B 391 24.52 15.86 -3.13
C PHE B 391 23.48 14.93 -3.79
N PRO B 392 23.15 15.20 -5.05
CA PRO B 392 22.12 14.45 -5.78
C PRO B 392 22.51 13.00 -6.01
N HIS B 393 23.80 12.75 -6.21
CA HIS B 393 24.30 11.41 -6.47
C HIS B 393 24.43 10.58 -5.20
N LEU B 394 24.14 11.20 -4.05
CA LEU B 394 24.35 10.55 -2.77
C LEU B 394 23.47 9.33 -2.57
N LEU B 395 22.16 9.52 -2.66
CA LEU B 395 21.20 8.45 -2.43
C LEU B 395 21.33 7.40 -3.53
N ALA B 396 21.67 7.86 -4.73
CA ALA B 396 21.84 6.99 -5.88
C ALA B 396 23.07 6.10 -5.75
N HIS B 397 24.19 6.70 -5.37
CA HIS B 397 25.44 5.97 -5.26
C HIS B 397 25.36 5.00 -4.08
N THR B 398 24.73 5.45 -3.01
CA THR B 398 24.58 4.63 -1.81
C THR B 398 23.71 3.40 -2.07
N TYR B 399 22.53 3.62 -2.64
CA TYR B 399 21.58 2.55 -2.89
C TYR B 399 22.17 1.50 -3.84
N ARG B 400 22.89 1.99 -4.85
CA ARG B 400 23.49 1.14 -5.86
C ARG B 400 24.70 0.40 -5.31
N ALA B 401 25.38 1.00 -4.35
CA ALA B 401 26.56 0.41 -3.72
C ALA B 401 26.19 -0.51 -2.54
N MET B 402 25.03 -0.26 -1.95
CA MET B 402 24.56 -1.04 -0.80
C MET B 402 23.71 -2.24 -1.19
N GLU B 403 23.82 -2.66 -2.45
CA GLU B 403 23.09 -3.82 -2.94
C GLU B 403 23.62 -5.12 -2.33
N LEU B 404 24.78 -5.06 -1.68
CA LEU B 404 25.41 -6.23 -1.09
C LEU B 404 24.65 -6.79 0.12
N CYS B 405 24.20 -5.92 1.01
CA CYS B 405 23.52 -6.36 2.22
C CYS B 405 22.01 -6.46 2.00
N SER B 406 21.63 -6.66 0.74
CA SER B 406 20.23 -6.72 0.34
C SER B 406 19.49 -7.90 0.96
N HIS B 407 20.17 -9.02 1.11
CA HIS B 407 19.54 -10.24 1.63
C HIS B 407 19.17 -10.09 3.10
N GLU B 408 19.83 -9.14 3.77
CA GLU B 408 19.52 -8.84 5.16
C GLU B 408 18.15 -8.16 5.27
N ARG B 409 17.39 -8.54 6.29
CA ARG B 409 16.01 -8.09 6.44
C ARG B 409 15.92 -6.60 6.76
N LEU B 410 17.02 -6.03 7.25
CA LEU B 410 17.10 -4.60 7.50
C LEU B 410 17.14 -3.86 6.17
N PHE B 411 17.45 -4.60 5.11
CA PHE B 411 17.52 -4.05 3.75
C PHE B 411 16.61 -4.82 2.79
N GLN B 412 15.44 -5.22 3.28
CA GLN B 412 14.41 -5.81 2.41
C GLN B 412 13.48 -4.76 1.78
N PRO B 413 12.89 -3.87 2.59
CA PRO B 413 11.93 -2.90 2.04
C PRO B 413 12.54 -1.87 1.08
N TYR B 414 13.85 -1.90 0.90
CA TYR B 414 14.51 -0.96 0.00
C TYR B 414 14.81 -1.58 -1.36
N TYR B 415 14.77 -2.90 -1.44
CA TYR B 415 15.24 -3.61 -2.63
C TYR B 415 14.21 -4.57 -3.22
N PHE B 416 13.83 -5.60 -2.47
CA PHE B 416 12.96 -6.64 -3.02
C PHE B 416 12.06 -7.31 -1.99
N HIS B 417 10.93 -7.83 -2.47
CA HIS B 417 10.02 -8.65 -1.67
C HIS B 417 9.26 -7.83 -0.63
C4 SJV C . -25.39 -9.83 0.37
C5 SJV C . -25.39 -10.49 -0.88
C6 SJV C . -24.68 -11.70 -1.02
C11 SJV C . -23.76 -16.99 0.32
C7 SJV C . -23.98 -12.23 0.08
C9 SJV C . -23.81 -14.58 0.31
C10 SJV C . -23.18 -15.78 -0.08
C12 SJV C . -24.92 -16.95 1.09
C13 SJV C . -25.47 -15.73 1.43
C3 SJV C . -24.71 -10.38 1.41
C1 SJV C . -23.25 -12.13 2.45
C2 SJV C . -23.99 -11.56 1.27
O8 SJV C . -23.28 -13.38 -0.05
N14 SJV C . -24.90 -14.60 1.04
C15 SJV C . -21.94 -15.83 -0.89
C16 SJV C . -21.63 -14.82 -1.83
C17 SJV C . -20.47 -14.92 -2.56
N18 SJV C . -19.68 -15.97 -2.38
C19 SJV C . -19.99 -16.91 -1.50
N20 SJV C . -21.10 -16.86 -0.77
N21 SJV C . -19.13 -17.98 -1.35
C22 SJV C . -19.59 -19.21 -0.69
C24 SJV C . -18.59 -20.33 -0.99
C25 SJV C . -19.02 -21.60 -0.26
C26 SJV C . -19.12 -21.31 1.24
N27 SJV C . -20.10 -20.23 1.47
C28 SJV C . -19.67 -18.99 0.82
C29 SJV C . -24.67 -12.35 -2.27
C30 SJV C . -25.34 -11.82 -3.31
C31 SJV C . -26.05 -10.63 -3.18
C32 SJV C . -26.09 -9.95 -1.98
N33 SJV C . -26.78 -8.75 -1.83
C34 SJV C . -27.93 -8.42 -2.46
O35 SJV C . -28.48 -9.17 -3.24
O36 SJV C . -28.48 -7.21 -2.22
C37 SJV C . -29.54 -6.78 -3.11
H23 SJV C . -20.57 -19.49 -1.07
C4 SJV D . -10.29 -0.03 -24.78
C5 SJV D . -11.66 0.26 -24.63
C6 SJV D . -12.05 1.57 -24.27
C11 SJV D . -11.63 7.20 -25.05
C7 SJV D . -11.07 2.56 -24.04
C9 SJV D . -11.35 4.87 -24.52
C10 SJV D . -11.75 6.17 -24.12
C12 SJV D . -11.14 6.92 -26.32
C13 SJV D . -10.77 5.63 -26.63
C3 SJV D . -9.37 0.95 -24.55
C1 SJV D . -8.68 3.27 -23.94
C2 SJV D . -9.74 2.23 -24.18
O8 SJV D . -11.44 3.81 -23.67
N14 SJV D . -10.88 4.67 -25.74
C15 SJV D . -12.29 6.49 -22.78
C16 SJV D . -12.80 5.50 -21.93
C17 SJV D . -13.29 5.85 -20.69
N18 SJV D . -13.28 7.13 -20.34
C19 SJV D . -12.81 8.05 -21.15
N20 SJV D . -12.31 7.75 -22.34
N21 SJV D . -12.82 9.36 -20.70
C22 SJV D . -12.86 10.50 -21.62
C24 SJV D . -13.43 11.70 -20.86
C25 SJV D . -13.39 12.94 -21.77
C26 SJV D . -11.95 13.18 -22.23
N27 SJV D . -11.48 12.01 -22.97
C28 SJV D . -11.45 10.82 -22.11
C29 SJV D . -13.41 1.87 -24.12
C30 SJV D . -14.34 0.90 -24.35
C31 SJV D . -13.96 -0.39 -24.71
C32 SJV D . -12.64 -0.73 -24.87
N33 SJV D . -12.25 -2.02 -25.22
C34 SJV D . -12.90 -2.82 -26.10
O35 SJV D . -13.91 -2.44 -26.66
O36 SJV D . -12.44 -4.05 -26.37
C37 SJV D . -12.63 -5.05 -25.33
H23 SJV D . -13.50 10.26 -22.48
#